data_1RM4
#
_entry.id   1RM4
#
_cell.length_a   141.688
_cell.length_b   185.365
_cell.length_c   106.614
_cell.angle_alpha   90.00
_cell.angle_beta   90.00
_cell.angle_gamma   90.00
#
_symmetry.space_group_name_H-M   'C 2 2 2'
#
loop_
_entity.id
_entity.type
_entity.pdbx_description
1 polymer 'Glyceraldehyde 3-phosphate dehydrogenase A'
2 non-polymer 'SULFATE ION'
3 non-polymer 'NADPH DIHYDRO-NICOTINAMIDE-ADENINE-DINUCLEOTIDE PHOSPHATE'
4 water water
#
_entity_poly.entity_id   1
_entity_poly.type   'polypeptide(L)'
_entity_poly.pdbx_seq_one_letter_code
;KLKVAINGFGRIGRNFLRCWHGRKDSPLDVVVINDTGGVKQASHLLKYDSILGTFDADVKTAGDSAISVDGKVIKVVSDR
NPVNLPWGDMGIDLVIEGTGVFVDRDGAGKHLQAGAKKVLITAPGKGDIPTYVVGVNEEGYTHADTIISNASCTTNCLAP
FVKVLDQKFGIIKGTMTTTHSYTGDQRLLDASHRDLRRARAACLNIVPTSTGAAKAVALVLPNLKGKLNGIALRVPTPNV
SVVDLVVQVSKKTFAEEVNAAFRESADNELKGILSVCDEPLVSIDFRCTDVSSTIDSSLTMVMGDDMVKVIAWYDNEWGY
SQRVVDLADIVANKWQA
;
_entity_poly.pdbx_strand_id   O,A,B
#
loop_
_chem_comp.id
_chem_comp.type
_chem_comp.name
_chem_comp.formula
NDP non-polymer 'NADPH DIHYDRO-NICOTINAMIDE-ADENINE-DINUCLEOTIDE PHOSPHATE' 'C21 H30 N7 O17 P3'
SO4 non-polymer 'SULFATE ION' 'O4 S -2'
#
# COMPACT_ATOMS: atom_id res chain seq x y z
N LYS A 1 -32.92 -27.49 -4.52
CA LYS A 1 -32.11 -27.14 -3.31
C LYS A 1 -32.34 -25.69 -2.89
N LEU A 2 -32.09 -24.76 -3.80
CA LEU A 2 -32.29 -23.34 -3.51
C LEU A 2 -33.80 -23.06 -3.58
N LYS A 3 -34.37 -22.49 -2.52
CA LYS A 3 -35.81 -22.17 -2.52
C LYS A 3 -36.01 -20.86 -3.25
N VAL A 4 -36.67 -20.94 -4.40
CA VAL A 4 -36.90 -19.78 -5.26
C VAL A 4 -38.34 -19.27 -5.34
N ALA A 5 -38.46 -17.95 -5.36
CA ALA A 5 -39.74 -17.26 -5.49
C ALA A 5 -39.67 -16.36 -6.73
N ILE A 6 -40.73 -16.37 -7.53
CA ILE A 6 -40.80 -15.54 -8.72
C ILE A 6 -41.73 -14.37 -8.44
N ASN A 7 -41.19 -13.14 -8.50
CA ASN A 7 -42.03 -11.96 -8.26
C ASN A 7 -42.34 -11.31 -9.61
N GLY A 8 -43.60 -11.41 -10.04
CA GLY A 8 -43.98 -10.86 -11.33
C GLY A 8 -44.04 -12.00 -12.33
N PHE A 9 -45.23 -12.54 -12.53
CA PHE A 9 -45.40 -13.68 -13.44
C PHE A 9 -45.77 -13.23 -14.86
N GLY A 10 -44.94 -12.39 -15.45
CA GLY A 10 -45.19 -11.90 -16.78
C GLY A 10 -44.44 -12.69 -17.83
N ARG A 11 -44.09 -12.05 -18.94
CA ARG A 11 -43.39 -12.73 -20.02
C ARG A 11 -42.09 -13.41 -19.55
N ILE A 12 -41.25 -12.69 -18.81
CA ILE A 12 -40.00 -13.25 -18.33
C ILE A 12 -40.27 -14.24 -17.18
N GLY A 13 -41.17 -13.85 -16.27
CA GLY A 13 -41.50 -14.74 -15.16
C GLY A 13 -41.99 -16.10 -15.64
N ARG A 14 -42.84 -16.09 -16.67
CA ARG A 14 -43.38 -17.33 -17.23
C ARG A 14 -42.38 -18.06 -18.14
N ASN A 15 -41.58 -17.32 -18.91
CA ASN A 15 -40.56 -17.98 -19.75
C ASN A 15 -39.54 -18.62 -18.79
N PHE A 16 -39.24 -17.93 -17.70
CA PHE A 16 -38.30 -18.45 -16.71
C PHE A 16 -38.76 -19.79 -16.15
N LEU A 17 -40.02 -19.87 -15.72
CA LEU A 17 -40.57 -21.09 -15.17
C LEU A 17 -40.50 -22.22 -16.19
N ARG A 18 -40.89 -21.93 -17.44
CA ARG A 18 -40.83 -22.96 -18.48
C ARG A 18 -39.40 -23.36 -18.82
N CYS A 19 -38.47 -22.40 -18.83
CA CYS A 19 -37.06 -22.71 -19.09
C CYS A 19 -36.56 -23.64 -18.00
N TRP A 20 -36.84 -23.26 -16.75
CA TRP A 20 -36.45 -24.04 -15.58
C TRP A 20 -37.05 -25.44 -15.62
N HIS A 21 -38.32 -25.53 -16.02
CA HIS A 21 -39.00 -26.81 -16.09
C HIS A 21 -38.32 -27.79 -17.04
N GLY A 22 -37.69 -27.26 -18.10
CA GLY A 22 -37.03 -28.12 -19.06
C GLY A 22 -35.60 -28.53 -18.70
N ARG A 23 -35.05 -27.98 -17.63
CA ARG A 23 -33.69 -28.31 -17.20
C ARG A 23 -33.69 -29.66 -16.46
N LYS A 24 -32.57 -30.37 -16.55
CA LYS A 24 -32.44 -31.66 -15.88
C LYS A 24 -31.58 -31.45 -14.63
N ASP A 25 -31.95 -32.09 -13.53
CA ASP A 25 -31.19 -31.96 -12.29
C ASP A 25 -30.91 -30.50 -11.93
N SER A 26 -31.97 -29.72 -11.77
CA SER A 26 -31.81 -28.32 -11.43
C SER A 26 -31.55 -28.15 -9.94
N PRO A 27 -30.62 -27.24 -9.58
CA PRO A 27 -30.32 -27.01 -8.16
C PRO A 27 -31.35 -26.04 -7.60
N LEU A 28 -32.31 -25.66 -8.44
CA LEU A 28 -33.35 -24.71 -8.05
C LEU A 28 -34.70 -25.36 -7.80
N ASP A 29 -35.42 -24.83 -6.82
CA ASP A 29 -36.75 -25.33 -6.48
C ASP A 29 -37.68 -24.13 -6.40
N VAL A 30 -38.48 -23.94 -7.45
CA VAL A 30 -39.44 -22.82 -7.47
C VAL A 30 -40.63 -23.23 -6.64
N VAL A 31 -40.77 -22.60 -5.47
CA VAL A 31 -41.85 -22.95 -4.55
C VAL A 31 -43.01 -21.95 -4.47
N VAL A 32 -42.80 -20.72 -4.92
CA VAL A 32 -43.85 -19.73 -4.85
C VAL A 32 -43.77 -18.68 -5.96
N ILE A 33 -44.94 -18.14 -6.31
CA ILE A 33 -45.07 -17.13 -7.34
C ILE A 33 -45.97 -16.01 -6.82
N ASN A 34 -45.52 -14.77 -6.98
CA ASN A 34 -46.34 -13.63 -6.58
C ASN A 34 -46.93 -13.15 -7.90
N ASP A 35 -48.20 -13.48 -8.12
CA ASP A 35 -48.92 -13.10 -9.33
C ASP A 35 -50.13 -12.32 -8.86
N THR A 36 -50.09 -11.00 -9.04
CA THR A 36 -51.18 -10.12 -8.64
C THR A 36 -52.47 -10.41 -9.39
N GLY A 37 -52.37 -11.15 -10.49
CA GLY A 37 -53.54 -11.49 -11.28
C GLY A 37 -54.35 -12.66 -10.73
N GLY A 38 -53.77 -13.40 -9.78
CA GLY A 38 -54.49 -14.52 -9.22
C GLY A 38 -54.12 -15.90 -9.74
N VAL A 39 -54.62 -16.92 -9.07
CA VAL A 39 -54.38 -18.33 -9.39
C VAL A 39 -54.90 -18.81 -10.74
N LYS A 40 -56.15 -18.49 -11.07
CA LYS A 40 -56.70 -18.95 -12.35
C LYS A 40 -55.91 -18.37 -13.52
N GLN A 41 -55.58 -17.09 -13.40
CA GLN A 41 -54.81 -16.37 -14.43
C GLN A 41 -53.41 -16.96 -14.59
N ALA A 42 -52.76 -17.24 -13.46
CA ALA A 42 -51.42 -17.79 -13.48
C ALA A 42 -51.39 -19.15 -14.17
N SER A 43 -52.36 -20.00 -13.85
CA SER A 43 -52.41 -21.32 -14.47
C SER A 43 -52.74 -21.22 -15.96
N HIS A 44 -53.71 -20.37 -16.29
CA HIS A 44 -54.11 -20.22 -17.69
C HIS A 44 -53.01 -19.70 -18.61
N LEU A 45 -52.40 -18.57 -18.26
CA LEU A 45 -51.34 -17.99 -19.08
C LEU A 45 -50.05 -18.79 -19.10
N LEU A 46 -49.82 -19.64 -18.09
CA LEU A 46 -48.65 -20.49 -18.09
C LEU A 46 -48.88 -21.62 -19.10
N LYS A 47 -50.10 -22.13 -19.12
CA LYS A 47 -50.48 -23.22 -20.03
C LYS A 47 -50.59 -22.79 -21.49
N TYR A 48 -51.29 -21.68 -21.75
CA TYR A 48 -51.47 -21.18 -23.12
C TYR A 48 -50.66 -19.91 -23.35
N ASP A 49 -49.79 -19.95 -24.37
CA ASP A 49 -48.89 -18.85 -24.69
C ASP A 49 -48.86 -18.56 -26.20
N SER A 50 -49.18 -17.31 -26.56
CA SER A 50 -49.23 -16.89 -27.96
C SER A 50 -47.89 -16.93 -28.69
N ILE A 51 -46.80 -16.98 -27.94
CA ILE A 51 -45.48 -17.03 -28.55
C ILE A 51 -44.82 -18.39 -28.42
N LEU A 52 -44.91 -19.00 -27.23
CA LEU A 52 -44.30 -20.31 -27.00
C LEU A 52 -45.19 -21.49 -27.33
N GLY A 53 -46.48 -21.25 -27.53
CA GLY A 53 -47.38 -22.33 -27.82
C GLY A 53 -47.87 -22.95 -26.51
N THR A 54 -48.69 -23.98 -26.62
CA THR A 54 -49.23 -24.63 -25.43
C THR A 54 -48.16 -25.44 -24.68
N PHE A 55 -48.03 -25.17 -23.37
CA PHE A 55 -47.05 -25.85 -22.53
C PHE A 55 -47.34 -27.36 -22.50
N ASP A 56 -46.34 -28.16 -22.86
CA ASP A 56 -46.48 -29.61 -22.85
C ASP A 56 -46.26 -30.15 -21.43
N ALA A 57 -47.25 -29.91 -20.58
CA ALA A 57 -47.20 -30.36 -19.18
C ALA A 57 -48.60 -30.23 -18.63
N ASP A 58 -48.90 -30.94 -17.55
CA ASP A 58 -50.20 -30.87 -16.92
C ASP A 58 -50.19 -29.67 -15.98
N VAL A 59 -50.93 -28.64 -16.34
CA VAL A 59 -51.00 -27.42 -15.55
C VAL A 59 -52.44 -27.22 -15.11
N LYS A 60 -52.63 -26.93 -13.84
CA LYS A 60 -53.98 -26.71 -13.33
C LYS A 60 -53.89 -25.91 -12.05
N THR A 61 -55.03 -25.35 -11.64
CA THR A 61 -55.06 -24.61 -10.40
C THR A 61 -55.14 -25.68 -9.30
N ALA A 62 -54.62 -25.36 -8.11
CA ALA A 62 -54.66 -26.30 -7.01
C ALA A 62 -55.20 -25.55 -5.80
N GLY A 63 -56.52 -25.53 -5.69
CA GLY A 63 -57.14 -24.82 -4.58
C GLY A 63 -57.27 -23.34 -4.86
N ASP A 64 -57.31 -22.57 -3.78
CA ASP A 64 -57.47 -21.11 -3.88
C ASP A 64 -56.16 -20.35 -3.85
N SER A 65 -55.03 -21.03 -3.66
CA SER A 65 -53.77 -20.31 -3.60
C SER A 65 -52.53 -21.04 -4.09
N ALA A 66 -52.68 -21.89 -5.10
CA ALA A 66 -51.55 -22.61 -5.65
C ALA A 66 -51.90 -23.21 -7.00
N ILE A 67 -50.87 -23.54 -7.77
CA ILE A 67 -51.05 -24.16 -9.07
C ILE A 67 -50.14 -25.37 -9.07
N SER A 68 -50.32 -26.29 -10.01
CA SER A 68 -49.47 -27.46 -10.10
C SER A 68 -49.03 -27.69 -11.54
N VAL A 69 -47.77 -28.06 -11.71
CA VAL A 69 -47.19 -28.33 -13.00
C VAL A 69 -46.70 -29.78 -12.95
N ASP A 70 -47.36 -30.65 -13.69
CA ASP A 70 -47.03 -32.07 -13.69
C ASP A 70 -46.97 -32.60 -12.26
N GLY A 71 -47.91 -32.15 -11.43
CA GLY A 71 -47.96 -32.60 -10.05
C GLY A 71 -47.22 -31.75 -9.03
N LYS A 72 -46.24 -30.96 -9.46
CA LYS A 72 -45.52 -30.13 -8.51
C LYS A 72 -46.33 -28.88 -8.16
N VAL A 73 -46.71 -28.78 -6.90
CA VAL A 73 -47.51 -27.65 -6.44
C VAL A 73 -46.64 -26.43 -6.15
N ILE A 74 -47.03 -25.30 -6.71
CA ILE A 74 -46.33 -24.04 -6.51
C ILE A 74 -47.31 -23.07 -5.88
N LYS A 75 -46.92 -22.50 -4.74
CA LYS A 75 -47.76 -21.56 -4.03
C LYS A 75 -47.89 -20.26 -4.83
N VAL A 76 -49.07 -19.64 -4.75
CA VAL A 76 -49.32 -18.39 -5.45
C VAL A 76 -49.84 -17.33 -4.48
N VAL A 77 -49.13 -16.22 -4.37
CA VAL A 77 -49.55 -15.13 -3.50
C VAL A 77 -49.81 -13.91 -4.37
N SER A 78 -50.42 -12.88 -3.78
CA SER A 78 -50.72 -11.67 -4.53
C SER A 78 -50.57 -10.42 -3.68
N ASP A 79 -49.52 -9.65 -3.93
CA ASP A 79 -49.30 -8.40 -3.21
C ASP A 79 -48.37 -7.50 -4.01
N ARG A 80 -48.82 -6.28 -4.27
CA ARG A 80 -48.03 -5.31 -5.02
C ARG A 80 -46.91 -4.67 -4.20
N ASN A 81 -46.99 -4.86 -2.89
CA ASN A 81 -45.99 -4.32 -1.97
C ASN A 81 -45.10 -5.46 -1.48
N PRO A 82 -43.87 -5.55 -2.00
CA PRO A 82 -42.91 -6.60 -1.63
C PRO A 82 -42.61 -6.74 -0.13
N VAL A 83 -42.66 -5.64 0.62
CA VAL A 83 -42.36 -5.71 2.04
C VAL A 83 -43.32 -6.63 2.80
N ASN A 84 -44.53 -6.79 2.27
CA ASN A 84 -45.54 -7.63 2.91
C ASN A 84 -45.52 -9.09 2.45
N LEU A 85 -44.57 -9.44 1.57
CA LEU A 85 -44.49 -10.82 1.09
C LEU A 85 -43.96 -11.76 2.17
N PRO A 86 -44.46 -13.01 2.20
CA PRO A 86 -44.06 -14.02 3.19
C PRO A 86 -42.74 -14.73 2.90
N TRP A 87 -41.74 -14.01 2.42
CA TRP A 87 -40.46 -14.63 2.08
C TRP A 87 -39.76 -15.20 3.31
N GLY A 88 -39.66 -14.40 4.36
CA GLY A 88 -39.04 -14.88 5.59
C GLY A 88 -39.77 -16.08 6.13
N ASP A 89 -41.09 -15.98 6.23
CA ASP A 89 -41.91 -17.07 6.75
C ASP A 89 -41.76 -18.36 5.93
N MET A 90 -41.59 -18.23 4.62
CA MET A 90 -41.43 -19.40 3.77
C MET A 90 -39.99 -19.89 3.66
N GLY A 91 -39.05 -19.06 4.09
CA GLY A 91 -37.64 -19.45 4.02
C GLY A 91 -37.04 -19.26 2.63
N ILE A 92 -37.61 -18.35 1.85
CA ILE A 92 -37.12 -18.09 0.49
C ILE A 92 -35.65 -17.67 0.46
N ASP A 93 -34.88 -18.33 -0.39
CA ASP A 93 -33.47 -18.02 -0.55
C ASP A 93 -33.23 -16.96 -1.61
N LEU A 94 -33.88 -17.12 -2.76
CA LEU A 94 -33.70 -16.20 -3.88
C LEU A 94 -35.00 -15.78 -4.56
N VAL A 95 -35.13 -14.47 -4.78
CA VAL A 95 -36.29 -13.92 -5.46
C VAL A 95 -35.90 -13.47 -6.86
N ILE A 96 -36.64 -13.96 -7.86
CA ILE A 96 -36.41 -13.56 -9.24
C ILE A 96 -37.31 -12.33 -9.42
N GLU A 97 -36.71 -11.15 -9.50
CA GLU A 97 -37.47 -9.89 -9.65
C GLU A 97 -37.79 -9.60 -11.12
N GLY A 98 -38.99 -9.97 -11.56
CA GLY A 98 -39.39 -9.75 -12.94
C GLY A 98 -40.59 -8.84 -13.14
N THR A 99 -40.80 -7.90 -12.21
CA THR A 99 -41.92 -6.98 -12.32
C THR A 99 -41.54 -5.77 -13.15
N GLY A 100 -40.24 -5.50 -13.22
CA GLY A 100 -39.76 -4.35 -13.95
C GLY A 100 -39.96 -3.06 -13.15
N VAL A 101 -40.46 -3.19 -11.93
CA VAL A 101 -40.70 -1.98 -11.12
C VAL A 101 -39.82 -1.83 -9.87
N PHE A 102 -39.08 -2.88 -9.50
CA PHE A 102 -38.22 -2.81 -8.32
C PHE A 102 -36.78 -3.10 -8.76
N VAL A 103 -36.23 -2.20 -9.57
CA VAL A 103 -34.90 -2.37 -10.11
C VAL A 103 -33.76 -1.62 -9.41
N ASP A 104 -34.09 -0.84 -8.38
CA ASP A 104 -33.04 -0.14 -7.64
C ASP A 104 -32.86 -0.82 -6.28
N ARG A 105 -31.85 -0.41 -5.52
CA ARG A 105 -31.61 -1.03 -4.23
C ARG A 105 -32.74 -0.89 -3.23
N ASP A 106 -33.35 0.28 -3.14
CA ASP A 106 -34.44 0.47 -2.19
C ASP A 106 -35.65 -0.38 -2.59
N GLY A 107 -35.91 -0.49 -3.89
CA GLY A 107 -37.03 -1.28 -4.35
C GLY A 107 -36.84 -2.77 -4.20
N ALA A 108 -35.78 -3.29 -4.82
CA ALA A 108 -35.47 -4.72 -4.77
C ALA A 108 -35.24 -5.12 -3.31
N GLY A 109 -34.66 -4.20 -2.55
CA GLY A 109 -34.36 -4.44 -1.15
C GLY A 109 -35.61 -4.74 -0.33
N LYS A 110 -36.78 -4.37 -0.83
CA LYS A 110 -38.01 -4.63 -0.10
C LYS A 110 -38.18 -6.14 0.07
N HIS A 111 -37.64 -6.93 -0.85
CA HIS A 111 -37.74 -8.38 -0.74
C HIS A 111 -36.90 -8.87 0.44
N LEU A 112 -35.79 -8.19 0.69
CA LEU A 112 -34.90 -8.54 1.79
C LEU A 112 -35.60 -8.18 3.09
N GLN A 113 -36.33 -7.05 3.08
CA GLN A 113 -37.07 -6.61 4.26
C GLN A 113 -38.14 -7.65 4.58
N ALA A 114 -38.68 -8.28 3.54
CA ALA A 114 -39.71 -9.30 3.70
C ALA A 114 -39.15 -10.62 4.17
N GLY A 115 -37.82 -10.76 4.11
CA GLY A 115 -37.22 -12.00 4.57
C GLY A 115 -36.45 -12.83 3.56
N ALA A 116 -36.46 -12.42 2.28
CA ALA A 116 -35.73 -13.16 1.26
C ALA A 116 -34.24 -12.91 1.50
N LYS A 117 -33.41 -13.92 1.26
CA LYS A 117 -31.99 -13.79 1.46
C LYS A 117 -31.24 -13.11 0.33
N LYS A 118 -31.79 -13.18 -0.88
CA LYS A 118 -31.13 -12.60 -2.03
C LYS A 118 -32.12 -12.25 -3.15
N VAL A 119 -31.74 -11.32 -4.03
CA VAL A 119 -32.58 -10.89 -5.13
C VAL A 119 -31.83 -10.84 -6.47
N LEU A 120 -32.46 -11.36 -7.52
CA LEU A 120 -31.87 -11.36 -8.86
C LEU A 120 -32.86 -10.64 -9.78
N ILE A 121 -32.50 -9.43 -10.21
CA ILE A 121 -33.35 -8.62 -11.07
C ILE A 121 -33.19 -9.05 -12.54
N THR A 122 -34.32 -9.32 -13.19
CA THR A 122 -34.30 -9.75 -14.59
C THR A 122 -34.24 -8.54 -15.50
N ALA A 123 -33.33 -7.62 -15.21
CA ALA A 123 -33.18 -6.39 -15.99
C ALA A 123 -32.00 -5.59 -15.43
N PRO A 124 -31.62 -4.51 -16.13
CA PRO A 124 -30.51 -3.70 -15.62
C PRO A 124 -30.89 -3.14 -14.26
N GLY A 125 -29.94 -3.11 -13.34
CA GLY A 125 -30.24 -2.55 -12.03
C GLY A 125 -29.93 -1.07 -12.06
N LYS A 126 -30.65 -0.28 -11.26
CA LYS A 126 -30.39 1.15 -11.21
C LYS A 126 -29.52 1.37 -9.99
N GLY A 127 -28.50 2.20 -10.13
CA GLY A 127 -27.63 2.47 -9.01
C GLY A 127 -26.52 1.45 -8.85
N ASP A 128 -26.04 1.31 -7.62
CA ASP A 128 -24.95 0.37 -7.36
C ASP A 128 -25.39 -1.07 -7.17
N ILE A 129 -25.70 -1.72 -8.28
CA ILE A 129 -26.12 -3.11 -8.25
C ILE A 129 -25.22 -3.92 -9.19
N PRO A 130 -24.53 -4.93 -8.66
CA PRO A 130 -23.64 -5.79 -9.44
C PRO A 130 -24.38 -6.37 -10.62
N THR A 131 -23.83 -6.19 -11.82
CA THR A 131 -24.45 -6.69 -13.04
C THR A 131 -23.61 -7.80 -13.63
N TYR A 132 -24.26 -8.88 -14.05
CA TYR A 132 -23.55 -10.03 -14.61
C TYR A 132 -24.17 -10.55 -15.89
N VAL A 133 -23.31 -11.00 -16.80
CA VAL A 133 -23.74 -11.58 -18.06
C VAL A 133 -23.00 -12.91 -18.16
N VAL A 134 -23.75 -14.00 -18.13
CA VAL A 134 -23.16 -15.33 -18.21
C VAL A 134 -22.39 -15.52 -19.51
N GLY A 135 -21.13 -15.91 -19.36
CA GLY A 135 -20.25 -16.11 -20.51
C GLY A 135 -19.33 -14.91 -20.68
N VAL A 136 -19.58 -13.87 -19.91
CA VAL A 136 -18.78 -12.64 -20.00
C VAL A 136 -18.06 -12.26 -18.71
N ASN A 137 -18.79 -12.16 -17.60
CA ASN A 137 -18.14 -11.80 -16.34
C ASN A 137 -18.75 -12.45 -15.11
N GLU A 138 -19.48 -13.55 -15.29
CA GLU A 138 -20.12 -14.20 -14.13
C GLU A 138 -19.16 -14.70 -13.06
N GLU A 139 -17.91 -14.97 -13.42
CA GLU A 139 -16.93 -15.44 -12.45
C GLU A 139 -16.66 -14.40 -11.36
N GLY A 140 -17.15 -13.19 -11.57
CA GLY A 140 -16.96 -12.13 -10.60
C GLY A 140 -18.02 -12.11 -9.50
N TYR A 141 -19.05 -12.93 -9.66
CA TYR A 141 -20.12 -13.00 -8.67
C TYR A 141 -19.64 -13.57 -7.33
N THR A 142 -20.14 -13.01 -6.23
CA THR A 142 -19.80 -13.51 -4.90
C THR A 142 -21.09 -13.59 -4.09
N HIS A 143 -21.15 -14.55 -3.17
CA HIS A 143 -22.33 -14.75 -2.34
C HIS A 143 -22.69 -13.51 -1.52
N ALA A 144 -21.74 -12.61 -1.33
CA ALA A 144 -22.01 -11.41 -0.55
C ALA A 144 -22.98 -10.45 -1.24
N ASP A 145 -23.15 -10.59 -2.55
CA ASP A 145 -24.07 -9.73 -3.30
C ASP A 145 -25.52 -10.03 -2.92
N THR A 146 -26.17 -9.15 -2.18
CA THR A 146 -27.55 -9.38 -1.79
C THR A 146 -28.53 -9.09 -2.93
N ILE A 147 -28.10 -8.23 -3.86
CA ILE A 147 -28.95 -7.86 -5.00
C ILE A 147 -28.10 -7.82 -6.27
N ILE A 148 -28.50 -8.58 -7.29
CA ILE A 148 -27.76 -8.63 -8.54
C ILE A 148 -28.69 -8.41 -9.74
N SER A 149 -28.08 -8.09 -10.88
CA SER A 149 -28.81 -7.85 -12.12
C SER A 149 -28.27 -8.76 -13.22
N ASN A 150 -29.16 -9.26 -14.08
CA ASN A 150 -28.75 -10.13 -15.18
C ASN A 150 -28.69 -9.29 -16.46
N ALA A 151 -28.69 -7.97 -16.28
CA ALA A 151 -28.65 -7.03 -17.41
C ALA A 151 -29.89 -7.15 -18.30
N SER A 152 -29.83 -6.61 -19.50
CA SER A 152 -30.97 -6.66 -20.42
C SER A 152 -30.75 -7.73 -21.49
N CYS A 153 -31.80 -8.00 -22.29
CA CYS A 153 -31.69 -8.98 -23.36
C CYS A 153 -30.66 -8.52 -24.38
N THR A 154 -30.69 -7.24 -24.72
CA THR A 154 -29.75 -6.70 -25.70
C THR A 154 -28.30 -6.76 -25.19
N THR A 155 -28.09 -6.52 -23.90
CA THR A 155 -26.75 -6.57 -23.34
C THR A 155 -26.21 -8.01 -23.40
N ASN A 156 -27.09 -8.98 -23.18
CA ASN A 156 -26.69 -10.39 -23.22
C ASN A 156 -26.39 -10.87 -24.64
N CYS A 157 -26.96 -10.21 -25.64
CA CYS A 157 -26.70 -10.58 -27.01
C CYS A 157 -25.39 -9.96 -27.47
N LEU A 158 -25.18 -8.71 -27.08
CA LEU A 158 -24.00 -7.96 -27.49
C LEU A 158 -22.68 -8.32 -26.78
N ALA A 159 -22.66 -8.24 -25.46
CA ALA A 159 -21.45 -8.49 -24.69
C ALA A 159 -20.64 -9.71 -25.12
N PRO A 160 -21.28 -10.88 -25.28
CA PRO A 160 -20.55 -12.08 -25.68
C PRO A 160 -19.66 -11.90 -26.91
N PHE A 161 -20.20 -11.37 -28.01
CA PHE A 161 -19.36 -11.23 -29.19
C PHE A 161 -18.51 -9.95 -29.18
N VAL A 162 -18.90 -8.96 -28.38
CA VAL A 162 -18.10 -7.75 -28.26
C VAL A 162 -16.83 -8.17 -27.52
N LYS A 163 -17.00 -9.09 -26.58
CA LYS A 163 -15.85 -9.60 -25.82
C LYS A 163 -14.86 -10.24 -26.78
N VAL A 164 -15.37 -11.00 -27.75
CA VAL A 164 -14.52 -11.67 -28.71
C VAL A 164 -13.84 -10.66 -29.63
N LEU A 165 -14.60 -9.67 -30.10
CA LEU A 165 -14.03 -8.66 -30.98
C LEU A 165 -12.93 -7.87 -30.28
N ASP A 166 -13.14 -7.51 -29.01
CA ASP A 166 -12.14 -6.73 -28.29
C ASP A 166 -10.86 -7.53 -28.06
N GLN A 167 -11.00 -8.79 -27.70
CA GLN A 167 -9.84 -9.64 -27.45
C GLN A 167 -9.03 -9.92 -28.72
N LYS A 168 -9.73 -10.25 -29.79
CA LYS A 168 -9.08 -10.59 -31.05
C LYS A 168 -8.62 -9.42 -31.92
N PHE A 169 -9.36 -8.31 -31.90
CA PHE A 169 -8.99 -7.17 -32.73
C PHE A 169 -8.80 -5.83 -32.00
N GLY A 170 -9.34 -5.72 -30.79
CA GLY A 170 -9.19 -4.48 -30.03
C GLY A 170 -10.15 -3.42 -30.53
N ILE A 171 -11.21 -3.16 -29.76
CA ILE A 171 -12.19 -2.16 -30.17
C ILE A 171 -11.77 -0.75 -29.76
N ILE A 172 -11.72 0.15 -30.74
CA ILE A 172 -11.36 1.54 -30.46
C ILE A 172 -12.65 2.26 -30.06
N LYS A 173 -13.72 2.04 -30.81
CA LYS A 173 -15.02 2.64 -30.49
C LYS A 173 -16.06 2.07 -31.43
N GLY A 174 -17.33 2.21 -31.06
CA GLY A 174 -18.39 1.69 -31.90
C GLY A 174 -19.76 2.18 -31.54
N THR A 175 -20.73 1.79 -32.35
CA THR A 175 -22.12 2.18 -32.13
C THR A 175 -23.01 1.00 -32.43
N MET A 176 -24.20 0.97 -31.85
CA MET A 176 -25.10 -0.13 -32.06
C MET A 176 -26.55 0.30 -32.22
N THR A 177 -27.30 -0.51 -32.95
CA THR A 177 -28.72 -0.27 -33.15
C THR A 177 -29.40 -1.63 -33.06
N THR A 178 -30.41 -1.75 -32.22
CA THR A 178 -31.12 -3.00 -32.15
C THR A 178 -32.52 -2.81 -32.72
N THR A 179 -32.87 -3.67 -33.68
CA THR A 179 -34.19 -3.67 -34.29
C THR A 179 -34.84 -4.71 -33.38
N HIS A 180 -35.63 -4.21 -32.45
CA HIS A 180 -36.22 -5.01 -31.38
C HIS A 180 -37.74 -5.24 -31.45
N SER A 181 -38.15 -6.46 -31.12
CA SER A 181 -39.58 -6.80 -31.08
C SER A 181 -40.23 -5.89 -30.03
N TYR A 182 -41.52 -5.64 -30.14
CA TYR A 182 -42.18 -4.80 -29.13
C TYR A 182 -42.32 -5.58 -27.84
N THR A 183 -42.47 -4.88 -26.72
CA THR A 183 -42.63 -5.52 -25.42
C THR A 183 -43.82 -4.89 -24.69
N GLY A 184 -44.20 -5.47 -23.55
CA GLY A 184 -45.32 -4.98 -22.78
C GLY A 184 -45.18 -3.54 -22.30
N ASP A 185 -43.97 -2.99 -22.34
CA ASP A 185 -43.77 -1.61 -21.90
C ASP A 185 -44.31 -0.62 -22.93
N GLN A 186 -44.53 -1.10 -24.15
CA GLN A 186 -45.06 -0.24 -25.19
C GLN A 186 -46.58 -0.24 -25.14
N ARG A 187 -47.23 0.70 -25.84
CA ARG A 187 -48.69 0.76 -25.82
C ARG A 187 -49.32 0.19 -27.08
N LEU A 188 -50.43 -0.52 -26.92
CA LEU A 188 -51.12 -1.13 -28.03
C LEU A 188 -51.64 -0.06 -29.01
N LEU A 189 -52.26 0.98 -28.45
CA LEU A 189 -52.75 2.11 -29.24
C LEU A 189 -52.21 3.36 -28.55
N ASP A 190 -52.00 4.44 -29.31
CA ASP A 190 -51.47 5.69 -28.75
C ASP A 190 -52.04 5.96 -27.36
N ALA A 191 -51.19 5.92 -26.35
CA ALA A 191 -51.62 6.13 -24.96
C ALA A 191 -50.47 6.68 -24.11
N SER A 192 -50.80 7.09 -22.89
CA SER A 192 -49.81 7.68 -21.99
C SER A 192 -48.57 6.82 -21.77
N HIS A 193 -47.43 7.50 -21.73
CA HIS A 193 -46.13 6.88 -21.50
C HIS A 193 -45.16 8.03 -21.29
N ARG A 194 -44.20 7.86 -20.38
CA ARG A 194 -43.21 8.88 -20.10
C ARG A 194 -42.36 9.11 -21.36
N ASP A 195 -42.14 8.05 -22.11
CA ASP A 195 -41.37 8.09 -23.36
C ASP A 195 -42.41 8.34 -24.46
N LEU A 196 -42.41 9.55 -25.01
CA LEU A 196 -43.40 9.91 -26.02
C LEU A 196 -43.39 9.06 -27.30
N ARG A 197 -42.32 8.31 -27.54
CA ARG A 197 -42.29 7.46 -28.73
C ARG A 197 -42.88 6.09 -28.38
N ARG A 198 -42.57 5.57 -27.20
CA ARG A 198 -43.12 4.27 -26.78
C ARG A 198 -44.61 4.41 -26.49
N ALA A 199 -45.10 5.65 -26.48
CA ALA A 199 -46.51 5.90 -26.24
C ALA A 199 -47.33 5.57 -27.49
N ARG A 200 -46.65 5.46 -28.63
CA ARG A 200 -47.31 5.22 -29.92
C ARG A 200 -47.60 3.75 -30.26
N ALA A 201 -48.75 3.51 -30.88
CA ALA A 201 -49.20 2.19 -31.29
C ALA A 201 -48.04 1.33 -31.78
N ALA A 202 -47.67 0.34 -30.97
CA ALA A 202 -46.53 -0.54 -31.24
C ALA A 202 -46.55 -1.42 -32.48
N CYS A 203 -47.73 -1.85 -32.90
CA CYS A 203 -47.80 -2.74 -34.05
C CYS A 203 -47.97 -1.96 -35.36
N LEU A 204 -48.00 -0.63 -35.26
CA LEU A 204 -48.19 0.22 -36.43
C LEU A 204 -46.96 1.04 -36.78
N ASN A 205 -45.98 1.05 -35.89
CA ASN A 205 -44.80 1.87 -36.09
C ASN A 205 -43.42 1.27 -35.86
N ILE A 206 -42.43 1.97 -36.38
CA ILE A 206 -41.03 1.68 -36.16
C ILE A 206 -40.85 2.77 -35.10
N VAL A 207 -40.50 2.36 -33.89
CA VAL A 207 -40.39 3.27 -32.75
C VAL A 207 -39.00 3.42 -32.14
N PRO A 208 -38.31 4.54 -32.44
CA PRO A 208 -36.98 4.72 -31.87
C PRO A 208 -37.11 4.91 -30.36
N THR A 209 -36.15 4.39 -29.61
CA THR A 209 -36.17 4.54 -28.15
C THR A 209 -34.76 4.35 -27.61
N SER A 210 -34.50 4.86 -26.42
CA SER A 210 -33.16 4.74 -25.82
C SER A 210 -32.86 3.33 -25.39
N THR A 211 -31.57 3.05 -25.19
CA THR A 211 -31.11 1.76 -24.73
C THR A 211 -29.84 1.99 -23.93
N GLY A 212 -29.71 1.28 -22.81
CA GLY A 212 -28.52 1.43 -22.00
C GLY A 212 -27.53 0.32 -22.29
N ALA A 213 -27.91 -0.61 -23.17
CA ALA A 213 -27.08 -1.74 -23.53
C ALA A 213 -25.62 -1.39 -23.84
N ALA A 214 -25.40 -0.25 -24.48
CA ALA A 214 -24.05 0.19 -24.83
C ALA A 214 -23.21 0.49 -23.59
N LYS A 215 -23.79 1.21 -22.64
CA LYS A 215 -23.08 1.56 -21.42
C LYS A 215 -23.03 0.33 -20.51
N ALA A 216 -24.06 -0.51 -20.58
CA ALA A 216 -24.13 -1.72 -19.77
C ALA A 216 -23.03 -2.70 -20.18
N VAL A 217 -22.68 -2.71 -21.46
CA VAL A 217 -21.61 -3.59 -21.93
C VAL A 217 -20.33 -3.26 -21.19
N ALA A 218 -20.09 -1.96 -20.98
CA ALA A 218 -18.89 -1.52 -20.28
C ALA A 218 -18.90 -1.98 -18.82
N LEU A 219 -20.09 -2.22 -18.27
CA LEU A 219 -20.19 -2.68 -16.89
C LEU A 219 -19.62 -4.08 -16.75
N VAL A 220 -19.90 -4.92 -17.74
CA VAL A 220 -19.42 -6.30 -17.71
C VAL A 220 -18.10 -6.48 -18.45
N LEU A 221 -17.73 -5.47 -19.23
CA LEU A 221 -16.48 -5.47 -19.99
C LEU A 221 -15.84 -4.09 -19.80
N PRO A 222 -15.23 -3.85 -18.62
CA PRO A 222 -14.58 -2.60 -18.25
C PRO A 222 -13.69 -1.96 -19.30
N ASN A 223 -13.06 -2.78 -20.14
CA ASN A 223 -12.19 -2.25 -21.17
C ASN A 223 -12.94 -1.45 -22.23
N LEU A 224 -14.26 -1.61 -22.26
CA LEU A 224 -15.10 -0.90 -23.23
C LEU A 224 -15.70 0.38 -22.68
N LYS A 225 -15.32 0.77 -21.47
CA LYS A 225 -15.87 1.98 -20.88
C LYS A 225 -15.69 3.19 -21.80
N GLY A 226 -16.77 3.94 -22.01
CA GLY A 226 -16.73 5.12 -22.85
C GLY A 226 -16.52 4.87 -24.34
N LYS A 227 -16.50 3.62 -24.77
CA LYS A 227 -16.26 3.31 -26.18
C LYS A 227 -17.50 3.02 -27.02
N LEU A 228 -18.63 2.75 -26.39
CA LEU A 228 -19.84 2.44 -27.15
C LEU A 228 -21.07 3.26 -26.77
N ASN A 229 -22.02 3.32 -27.71
CA ASN A 229 -23.30 3.98 -27.50
C ASN A 229 -24.24 3.44 -28.56
N GLY A 230 -25.52 3.77 -28.45
CA GLY A 230 -26.46 3.26 -29.43
C GLY A 230 -27.90 3.57 -29.11
N ILE A 231 -28.79 2.94 -29.87
CA ILE A 231 -30.22 3.15 -29.73
C ILE A 231 -30.99 1.92 -30.13
N ALA A 232 -32.30 1.96 -29.92
CA ALA A 232 -33.15 0.86 -30.29
C ALA A 232 -34.27 1.32 -31.21
N LEU A 233 -34.70 0.43 -32.10
CA LEU A 233 -35.81 0.72 -32.99
C LEU A 233 -36.80 -0.42 -32.75
N ARG A 234 -37.91 -0.12 -32.05
CA ARG A 234 -38.92 -1.13 -31.79
C ARG A 234 -39.77 -1.33 -33.05
N VAL A 235 -39.98 -2.59 -33.44
CA VAL A 235 -40.76 -2.88 -34.64
C VAL A 235 -41.87 -3.87 -34.34
N PRO A 236 -42.87 -3.95 -35.24
CA PRO A 236 -44.03 -4.83 -35.11
C PRO A 236 -43.91 -6.35 -35.15
N THR A 237 -43.00 -6.91 -34.37
CA THR A 237 -42.86 -8.37 -34.28
C THR A 237 -43.00 -8.60 -32.77
N PRO A 238 -43.67 -9.69 -32.37
CA PRO A 238 -43.89 -10.01 -30.96
C PRO A 238 -42.75 -10.59 -30.14
N ASN A 239 -41.71 -11.09 -30.81
CA ASN A 239 -40.57 -11.67 -30.12
C ASN A 239 -39.46 -11.96 -31.13
N VAL A 240 -38.22 -11.89 -30.63
CA VAL A 240 -36.98 -12.08 -31.39
C VAL A 240 -36.51 -10.74 -31.93
N SER A 241 -35.26 -10.41 -31.62
CA SER A 241 -34.70 -9.15 -32.03
C SER A 241 -33.32 -9.34 -32.66
N VAL A 242 -32.73 -8.25 -33.12
CA VAL A 242 -31.43 -8.36 -33.77
C VAL A 242 -30.60 -7.10 -33.53
N VAL A 243 -29.34 -7.29 -33.19
CA VAL A 243 -28.45 -6.18 -32.93
C VAL A 243 -27.53 -5.97 -34.13
N ASP A 244 -27.34 -4.69 -34.44
CA ASP A 244 -26.47 -4.25 -35.53
C ASP A 244 -25.32 -3.47 -34.88
N LEU A 245 -24.14 -4.07 -34.83
CA LEU A 245 -22.98 -3.41 -34.22
C LEU A 245 -21.94 -2.97 -35.23
N VAL A 246 -21.47 -1.73 -35.11
CA VAL A 246 -20.43 -1.22 -36.00
C VAL A 246 -19.30 -0.73 -35.11
N VAL A 247 -18.11 -1.31 -35.29
CA VAL A 247 -16.96 -0.91 -34.48
C VAL A 247 -15.71 -0.72 -35.31
N GLN A 248 -14.87 0.22 -34.88
CA GLN A 248 -13.59 0.42 -35.53
C GLN A 248 -12.65 -0.36 -34.63
N VAL A 249 -11.86 -1.27 -35.23
CA VAL A 249 -10.93 -2.08 -34.47
C VAL A 249 -9.50 -1.63 -34.76
N SER A 250 -8.58 -1.95 -33.85
CA SER A 250 -7.20 -1.56 -34.04
C SER A 250 -6.45 -2.45 -35.03
N LYS A 251 -6.85 -3.71 -35.11
CA LYS A 251 -6.19 -4.65 -36.03
C LYS A 251 -6.99 -4.85 -37.32
N LYS A 252 -6.37 -4.53 -38.46
CA LYS A 252 -7.02 -4.70 -39.76
C LYS A 252 -7.47 -6.15 -39.94
N THR A 253 -8.63 -6.34 -40.57
CA THR A 253 -9.17 -7.68 -40.77
C THR A 253 -10.12 -7.70 -41.96
N PHE A 254 -10.86 -8.81 -42.09
CA PHE A 254 -11.85 -8.97 -43.15
C PHE A 254 -12.98 -9.86 -42.63
N ALA A 255 -14.15 -9.74 -43.25
CA ALA A 255 -15.35 -10.45 -42.80
C ALA A 255 -15.22 -11.93 -42.46
N GLU A 256 -14.60 -12.72 -43.35
CA GLU A 256 -14.45 -14.15 -43.09
C GLU A 256 -13.57 -14.46 -41.88
N GLU A 257 -12.57 -13.62 -41.62
CA GLU A 257 -11.69 -13.82 -40.47
C GLU A 257 -12.48 -13.52 -39.20
N VAL A 258 -13.31 -12.49 -39.25
CA VAL A 258 -14.16 -12.12 -38.12
C VAL A 258 -15.11 -13.27 -37.82
N ASN A 259 -15.78 -13.78 -38.84
CA ASN A 259 -16.70 -14.90 -38.67
C ASN A 259 -15.98 -16.07 -38.02
N ALA A 260 -14.76 -16.33 -38.50
CA ALA A 260 -13.94 -17.41 -37.98
C ALA A 260 -13.69 -17.25 -36.49
N ALA A 261 -13.35 -16.03 -36.08
CA ALA A 261 -13.11 -15.75 -34.67
C ALA A 261 -14.35 -16.09 -33.84
N PHE A 262 -15.53 -15.80 -34.36
CA PHE A 262 -16.75 -16.09 -33.62
C PHE A 262 -17.01 -17.60 -33.50
N ARG A 263 -16.71 -18.35 -34.56
CA ARG A 263 -16.93 -19.80 -34.53
C ARG A 263 -16.01 -20.46 -33.51
N GLU A 264 -14.78 -19.97 -33.41
CA GLU A 264 -13.81 -20.51 -32.47
C GLU A 264 -14.34 -20.39 -31.05
N SER A 265 -14.81 -19.20 -30.68
CA SER A 265 -15.36 -19.00 -29.34
C SER A 265 -16.63 -19.81 -29.14
N ALA A 266 -17.46 -19.87 -30.18
CA ALA A 266 -18.72 -20.62 -30.13
C ALA A 266 -18.52 -22.09 -29.83
N ASP A 267 -17.44 -22.66 -30.35
CA ASP A 267 -17.14 -24.07 -30.14
C ASP A 267 -16.33 -24.28 -28.86
N ASN A 268 -15.93 -23.21 -28.21
CA ASN A 268 -15.13 -23.33 -26.99
C ASN A 268 -15.64 -22.58 -25.75
N GLU A 269 -15.00 -21.46 -25.41
CA GLU A 269 -15.39 -20.73 -24.22
C GLU A 269 -16.81 -20.16 -24.19
N LEU A 270 -17.42 -19.96 -25.37
CA LEU A 270 -18.78 -19.42 -25.40
C LEU A 270 -19.81 -20.43 -25.91
N LYS A 271 -19.50 -21.71 -25.77
CA LYS A 271 -20.42 -22.77 -26.20
C LYS A 271 -21.71 -22.64 -25.38
N GLY A 272 -22.85 -22.64 -26.06
CA GLY A 272 -24.11 -22.52 -25.35
C GLY A 272 -24.51 -21.07 -25.06
N ILE A 273 -23.65 -20.13 -25.44
CA ILE A 273 -23.93 -18.70 -25.23
C ILE A 273 -23.95 -18.00 -26.58
N LEU A 274 -22.97 -18.30 -27.41
CA LEU A 274 -22.87 -17.72 -28.73
C LEU A 274 -22.90 -18.81 -29.80
N SER A 275 -23.60 -18.54 -30.89
CA SER A 275 -23.67 -19.46 -32.01
C SER A 275 -23.46 -18.65 -33.29
N VAL A 276 -23.08 -19.34 -34.36
CA VAL A 276 -22.86 -18.69 -35.66
C VAL A 276 -23.71 -19.43 -36.69
N CYS A 277 -24.60 -18.69 -37.36
CA CYS A 277 -25.50 -19.28 -38.35
C CYS A 277 -25.15 -18.89 -39.77
N ASP A 278 -24.96 -19.89 -40.64
CA ASP A 278 -24.60 -19.66 -42.03
C ASP A 278 -25.78 -19.77 -43.00
N GLU A 279 -26.98 -20.01 -42.46
CA GLU A 279 -28.19 -20.16 -43.26
C GLU A 279 -28.87 -18.80 -43.46
N PRO A 280 -29.55 -18.61 -44.60
CA PRO A 280 -30.26 -17.35 -44.90
C PRO A 280 -31.64 -17.37 -44.22
N LEU A 281 -31.65 -17.16 -42.91
CA LEU A 281 -32.86 -17.21 -42.12
C LEU A 281 -33.47 -15.86 -41.78
N VAL A 282 -34.64 -15.88 -41.13
CA VAL A 282 -35.34 -14.67 -40.72
C VAL A 282 -35.70 -14.83 -39.24
N SER A 283 -36.13 -13.75 -38.61
CA SER A 283 -36.43 -13.74 -37.17
C SER A 283 -37.19 -14.91 -36.57
N ILE A 284 -38.24 -15.36 -37.26
CA ILE A 284 -39.06 -16.45 -36.74
C ILE A 284 -38.28 -17.75 -36.52
N ASP A 285 -37.22 -17.96 -37.32
CA ASP A 285 -36.43 -19.18 -37.20
C ASP A 285 -35.56 -19.22 -35.94
N PHE A 286 -35.41 -18.08 -35.26
CA PHE A 286 -34.60 -18.05 -34.05
C PHE A 286 -35.41 -18.15 -32.77
N ARG A 287 -36.72 -18.35 -32.91
CA ARG A 287 -37.58 -18.48 -31.73
C ARG A 287 -37.16 -19.71 -30.94
N CYS A 288 -37.09 -19.54 -29.63
CA CYS A 288 -36.74 -20.62 -28.72
C CYS A 288 -35.33 -21.19 -28.86
N THR A 289 -34.39 -20.34 -29.25
CA THR A 289 -33.00 -20.76 -29.34
C THR A 289 -32.45 -20.51 -27.94
N ASP A 290 -31.69 -21.46 -27.40
CA ASP A 290 -31.17 -21.32 -26.04
C ASP A 290 -29.97 -20.40 -25.87
N VAL A 291 -29.28 -20.09 -26.96
CA VAL A 291 -28.12 -19.22 -26.89
C VAL A 291 -28.54 -17.77 -26.64
N SER A 292 -27.58 -16.94 -26.25
CA SER A 292 -27.84 -15.53 -25.99
C SER A 292 -27.72 -14.72 -27.27
N SER A 293 -26.88 -15.20 -28.18
CA SER A 293 -26.59 -14.46 -29.39
C SER A 293 -26.21 -15.38 -30.55
N THR A 294 -26.74 -15.08 -31.74
CA THR A 294 -26.45 -15.85 -32.93
C THR A 294 -26.02 -14.95 -34.08
N ILE A 295 -24.75 -15.02 -34.43
CA ILE A 295 -24.19 -14.22 -35.52
C ILE A 295 -24.75 -14.66 -36.89
N ASP A 296 -25.20 -13.71 -37.69
CA ASP A 296 -25.67 -14.05 -39.03
C ASP A 296 -24.41 -13.86 -39.88
N SER A 297 -23.67 -14.94 -40.08
CA SER A 297 -22.38 -14.88 -40.79
C SER A 297 -22.33 -14.21 -42.16
N SER A 298 -23.33 -14.47 -42.99
CA SER A 298 -23.34 -13.89 -44.33
C SER A 298 -23.58 -12.39 -44.36
N LEU A 299 -23.95 -11.81 -43.20
CA LEU A 299 -24.21 -10.38 -43.15
C LEU A 299 -23.02 -9.58 -42.64
N THR A 300 -22.02 -10.27 -42.11
CA THR A 300 -20.83 -9.61 -41.61
C THR A 300 -20.11 -8.86 -42.72
N MET A 301 -19.71 -7.63 -42.43
CA MET A 301 -19.01 -6.80 -43.39
C MET A 301 -17.88 -6.03 -42.74
N VAL A 302 -16.85 -5.75 -43.53
CA VAL A 302 -15.72 -4.98 -43.06
C VAL A 302 -15.43 -3.90 -44.12
N MET A 303 -15.47 -2.65 -43.69
CA MET A 303 -15.22 -1.53 -44.59
C MET A 303 -13.90 -0.85 -44.23
N GLY A 304 -13.10 -0.55 -45.24
CA GLY A 304 -11.82 0.11 -44.99
C GLY A 304 -10.89 -0.69 -44.08
N ASP A 305 -11.05 -2.00 -44.08
CA ASP A 305 -10.20 -2.89 -43.30
C ASP A 305 -10.30 -2.87 -41.79
N ASP A 306 -10.87 -1.82 -41.20
CA ASP A 306 -10.99 -1.76 -39.75
C ASP A 306 -12.38 -1.37 -39.20
N MET A 307 -13.37 -1.21 -40.08
CA MET A 307 -14.72 -0.90 -39.63
C MET A 307 -15.55 -2.17 -39.81
N VAL A 308 -15.81 -2.86 -38.70
CA VAL A 308 -16.55 -4.11 -38.71
C VAL A 308 -18.02 -3.96 -38.34
N LYS A 309 -18.91 -4.54 -39.16
CA LYS A 309 -20.33 -4.52 -38.88
C LYS A 309 -20.76 -5.97 -38.66
N VAL A 310 -21.43 -6.20 -37.54
CA VAL A 310 -21.91 -7.53 -37.18
C VAL A 310 -23.39 -7.53 -36.87
N ILE A 311 -24.10 -8.54 -37.37
CA ILE A 311 -25.53 -8.69 -37.17
C ILE A 311 -25.77 -9.95 -36.33
N ALA A 312 -26.47 -9.80 -35.22
CA ALA A 312 -26.71 -10.94 -34.35
C ALA A 312 -28.15 -11.04 -33.88
N TRP A 313 -28.68 -12.26 -33.93
CA TRP A 313 -30.05 -12.54 -33.51
C TRP A 313 -30.13 -12.98 -32.06
N TYR A 314 -31.29 -12.74 -31.44
CA TYR A 314 -31.53 -13.15 -30.07
C TYR A 314 -33.02 -13.21 -29.77
N ASP A 315 -33.42 -14.25 -29.05
CA ASP A 315 -34.81 -14.43 -28.63
C ASP A 315 -34.80 -13.68 -27.31
N ASN A 316 -35.30 -12.44 -27.33
CA ASN A 316 -35.28 -11.61 -26.13
C ASN A 316 -36.02 -12.16 -24.91
N GLU A 317 -37.02 -13.01 -25.12
CA GLU A 317 -37.75 -13.58 -23.98
C GLU A 317 -37.13 -14.90 -23.50
N TRP A 318 -37.09 -15.87 -24.40
CA TRP A 318 -36.58 -17.20 -24.08
C TRP A 318 -35.09 -17.32 -23.87
N GLY A 319 -34.31 -16.77 -24.79
CA GLY A 319 -32.87 -16.85 -24.65
C GLY A 319 -32.43 -16.14 -23.38
N TYR A 320 -33.04 -14.99 -23.09
CA TYR A 320 -32.70 -14.24 -21.90
C TYR A 320 -33.08 -15.02 -20.64
N SER A 321 -34.25 -15.65 -20.69
CA SER A 321 -34.73 -16.41 -19.54
C SER A 321 -33.83 -17.60 -19.24
N GLN A 322 -33.23 -18.17 -20.27
CA GLN A 322 -32.31 -19.28 -20.05
C GLN A 322 -31.10 -18.74 -19.29
N ARG A 323 -30.71 -17.50 -19.57
CA ARG A 323 -29.59 -16.89 -18.86
C ARG A 323 -29.95 -16.59 -17.39
N VAL A 324 -31.21 -16.26 -17.14
CA VAL A 324 -31.65 -15.98 -15.77
C VAL A 324 -31.54 -17.28 -14.99
N VAL A 325 -31.95 -18.38 -15.61
CA VAL A 325 -31.85 -19.69 -14.98
C VAL A 325 -30.36 -19.97 -14.73
N ASP A 326 -29.51 -19.73 -15.74
CA ASP A 326 -28.07 -19.96 -15.58
C ASP A 326 -27.47 -19.15 -14.42
N LEU A 327 -27.86 -17.89 -14.29
CA LEU A 327 -27.32 -17.05 -13.21
C LEU A 327 -27.84 -17.58 -11.87
N ALA A 328 -29.11 -17.99 -11.85
CA ALA A 328 -29.72 -18.54 -10.63
C ALA A 328 -28.95 -19.78 -10.21
N ASP A 329 -28.55 -20.61 -11.19
CA ASP A 329 -27.79 -21.82 -10.92
C ASP A 329 -26.44 -21.47 -10.28
N ILE A 330 -25.84 -20.38 -10.74
CA ILE A 330 -24.56 -19.92 -10.19
C ILE A 330 -24.74 -19.51 -8.74
N VAL A 331 -25.83 -18.79 -8.46
CA VAL A 331 -26.14 -18.36 -7.11
C VAL A 331 -26.22 -19.57 -6.18
N ALA A 332 -26.94 -20.60 -6.62
CA ALA A 332 -27.08 -21.81 -5.83
C ALA A 332 -25.74 -22.53 -5.65
N ASN A 333 -24.94 -22.56 -6.70
CA ASN A 333 -23.65 -23.23 -6.67
C ASN A 333 -22.61 -22.55 -5.77
N LYS A 334 -22.74 -21.23 -5.60
CA LYS A 334 -21.79 -20.49 -4.76
C LYS A 334 -22.38 -20.13 -3.39
N TRP A 335 -23.51 -20.74 -3.06
CA TRP A 335 -24.17 -20.45 -1.79
C TRP A 335 -23.31 -20.88 -0.60
N GLN A 336 -23.28 -20.04 0.43
CA GLN A 336 -22.52 -20.32 1.64
C GLN A 336 -23.44 -20.51 2.83
N LYS B 1 7.56 -6.57 -24.92
CA LYS B 1 8.69 -5.62 -24.91
C LYS B 1 8.23 -4.30 -24.28
N LEU B 2 7.59 -4.42 -23.13
CA LEU B 2 7.09 -3.25 -22.41
C LEU B 2 8.25 -2.38 -21.92
N LYS B 3 8.27 -1.10 -22.31
CA LYS B 3 9.32 -0.20 -21.85
C LYS B 3 8.95 0.22 -20.44
N VAL B 4 9.74 -0.23 -19.48
CA VAL B 4 9.48 0.07 -18.08
C VAL B 4 10.42 1.10 -17.46
N ALA B 5 9.85 1.95 -16.62
CA ALA B 5 10.61 2.97 -15.92
C ALA B 5 10.34 2.78 -14.42
N ILE B 6 11.40 2.83 -13.61
CA ILE B 6 11.26 2.67 -12.17
C ILE B 6 11.42 4.04 -11.52
N ASN B 7 10.37 4.52 -10.87
CA ASN B 7 10.44 5.81 -10.19
C ASN B 7 10.61 5.55 -8.68
N GLY B 8 11.80 5.85 -8.16
CA GLY B 8 12.07 5.62 -6.75
C GLY B 8 12.85 4.34 -6.57
N PHE B 9 14.17 4.45 -6.56
CA PHE B 9 15.05 3.29 -6.44
C PHE B 9 15.34 2.95 -4.97
N GLY B 10 14.28 2.67 -4.22
CA GLY B 10 14.44 2.33 -2.81
C GLY B 10 14.51 0.83 -2.59
N ARG B 11 14.10 0.36 -1.42
CA ARG B 11 14.14 -1.06 -1.13
C ARG B 11 13.34 -1.88 -2.15
N ILE B 12 12.12 -1.46 -2.43
CA ILE B 12 11.29 -2.17 -3.39
C ILE B 12 11.79 -1.95 -4.81
N GLY B 13 12.14 -0.72 -5.13
CA GLY B 13 12.65 -0.43 -6.47
C GLY B 13 13.85 -1.29 -6.81
N ARG B 14 14.77 -1.45 -5.86
CA ARG B 14 15.96 -2.25 -6.08
C ARG B 14 15.66 -3.74 -6.02
N ASN B 15 14.74 -4.13 -5.15
CA ASN B 15 14.36 -5.53 -5.07
C ASN B 15 13.66 -5.88 -6.39
N PHE B 16 12.82 -4.97 -6.88
CA PHE B 16 12.12 -5.18 -8.14
C PHE B 16 13.12 -5.51 -9.25
N LEU B 17 14.07 -4.60 -9.46
CA LEU B 17 15.09 -4.75 -10.50
C LEU B 17 15.81 -6.09 -10.40
N ARG B 18 16.23 -6.48 -9.19
CA ARG B 18 16.91 -7.76 -9.01
C ARG B 18 15.98 -8.94 -9.26
N CYS B 19 14.70 -8.79 -8.90
CA CYS B 19 13.73 -9.86 -9.13
C CYS B 19 13.57 -10.03 -10.64
N TRP B 20 13.34 -8.91 -11.33
CA TRP B 20 13.18 -8.91 -12.77
C TRP B 20 14.41 -9.51 -13.44
N HIS B 21 15.59 -9.13 -12.96
CA HIS B 21 16.84 -9.63 -13.53
C HIS B 21 16.94 -11.15 -13.47
N GLY B 22 16.29 -11.76 -12.49
CA GLY B 22 16.35 -13.20 -12.36
C GLY B 22 15.32 -13.98 -13.17
N ARG B 23 14.36 -13.28 -13.78
CA ARG B 23 13.34 -13.95 -14.59
C ARG B 23 13.86 -14.36 -15.96
N LYS B 24 13.28 -15.42 -16.51
CA LYS B 24 13.67 -15.91 -17.83
C LYS B 24 12.62 -15.44 -18.84
N ASP B 25 13.08 -14.99 -20.00
CA ASP B 25 12.19 -14.51 -21.05
C ASP B 25 11.12 -13.56 -20.51
N SER B 26 11.57 -12.45 -19.94
CA SER B 26 10.69 -11.44 -19.39
C SER B 26 10.08 -10.57 -20.50
N PRO B 27 8.78 -10.27 -20.40
CA PRO B 27 8.13 -9.43 -21.42
C PRO B 27 8.40 -7.97 -21.10
N LEU B 28 9.18 -7.74 -20.05
CA LEU B 28 9.52 -6.39 -19.61
C LEU B 28 10.94 -5.99 -19.95
N ASP B 29 11.12 -4.70 -20.22
CA ASP B 29 12.43 -4.15 -20.53
C ASP B 29 12.61 -2.89 -19.70
N VAL B 30 13.38 -3.00 -18.63
CA VAL B 30 13.64 -1.86 -17.75
C VAL B 30 14.69 -1.01 -18.45
N VAL B 31 14.26 0.16 -18.94
CA VAL B 31 15.16 1.02 -19.68
C VAL B 31 15.62 2.27 -18.93
N VAL B 32 14.93 2.64 -17.86
CA VAL B 32 15.32 3.83 -17.12
C VAL B 32 14.93 3.78 -15.65
N ILE B 33 15.72 4.49 -14.83
CA ILE B 33 15.50 4.54 -13.40
C ILE B 33 15.60 5.99 -12.94
N ASN B 34 14.65 6.43 -12.14
CA ASN B 34 14.70 7.78 -11.62
C ASN B 34 15.17 7.64 -10.18
N ASP B 35 16.46 7.93 -9.97
CA ASP B 35 17.06 7.84 -8.65
C ASP B 35 17.55 9.23 -8.29
N THR B 36 16.85 9.87 -7.37
CA THR B 36 17.20 11.21 -6.92
C THR B 36 18.58 11.24 -6.27
N GLY B 37 19.13 10.07 -5.98
CA GLY B 37 20.44 9.98 -5.37
C GLY B 37 21.60 10.01 -6.35
N GLY B 38 21.31 9.83 -7.63
CA GLY B 38 22.38 9.86 -8.62
C GLY B 38 22.81 8.50 -9.14
N VAL B 39 23.68 8.55 -10.13
CA VAL B 39 24.21 7.35 -10.79
C VAL B 39 25.12 6.47 -9.94
N LYS B 40 26.07 7.09 -9.25
CA LYS B 40 26.99 6.31 -8.44
C LYS B 40 26.27 5.61 -7.30
N GLN B 41 25.33 6.31 -6.66
CA GLN B 41 24.56 5.74 -5.57
C GLN B 41 23.73 4.55 -6.04
N ALA B 42 23.02 4.73 -7.16
CA ALA B 42 22.19 3.67 -7.71
C ALA B 42 23.00 2.41 -8.00
N SER B 43 24.16 2.59 -8.60
CA SER B 43 25.02 1.47 -8.92
C SER B 43 25.51 0.79 -7.64
N HIS B 44 25.95 1.61 -6.69
CA HIS B 44 26.48 1.10 -5.43
C HIS B 44 25.45 0.32 -4.59
N LEU B 45 24.30 0.94 -4.32
CA LEU B 45 23.26 0.29 -3.54
C LEU B 45 22.59 -0.88 -4.24
N LEU B 46 22.71 -0.95 -5.56
CA LEU B 46 22.14 -2.06 -6.31
C LEU B 46 23.08 -3.24 -6.16
N LYS B 47 24.39 -2.94 -6.18
CA LYS B 47 25.41 -3.98 -6.04
C LYS B 47 25.53 -4.50 -4.61
N TYR B 48 25.57 -3.58 -3.64
CA TYR B 48 25.72 -3.96 -2.23
C TYR B 48 24.41 -3.77 -1.46
N ASP B 49 23.93 -4.85 -0.85
CA ASP B 49 22.67 -4.82 -0.11
C ASP B 49 22.78 -5.55 1.23
N SER B 50 22.48 -4.85 2.31
CA SER B 50 22.58 -5.43 3.66
C SER B 50 21.64 -6.60 3.93
N ILE B 51 20.60 -6.73 3.11
CA ILE B 51 19.62 -7.81 3.28
C ILE B 51 19.78 -8.91 2.23
N LEU B 52 19.85 -8.51 0.96
CA LEU B 52 19.98 -9.45 -0.14
C LEU B 52 21.40 -9.96 -0.36
N GLY B 53 22.38 -9.27 0.21
CA GLY B 53 23.75 -9.68 -0.01
C GLY B 53 24.23 -9.05 -1.30
N THR B 54 25.48 -9.29 -1.67
CA THR B 54 26.04 -8.71 -2.89
C THR B 54 25.43 -9.29 -4.17
N PHE B 55 24.93 -8.41 -5.02
CA PHE B 55 24.32 -8.79 -6.29
C PHE B 55 25.32 -9.57 -7.14
N ASP B 56 24.98 -10.81 -7.48
CA ASP B 56 25.88 -11.63 -8.29
C ASP B 56 25.73 -11.27 -9.77
N ALA B 57 26.25 -10.11 -10.12
CA ALA B 57 26.19 -9.60 -11.48
C ALA B 57 27.20 -8.46 -11.59
N ASP B 58 27.65 -8.18 -12.80
CA ASP B 58 28.59 -7.09 -13.02
C ASP B 58 27.80 -5.79 -13.05
N VAL B 59 27.91 -5.02 -11.99
CA VAL B 59 27.21 -3.74 -11.90
C VAL B 59 28.21 -2.62 -11.85
N LYS B 60 28.00 -1.61 -12.68
CA LYS B 60 28.91 -0.49 -12.71
C LYS B 60 28.26 0.71 -13.37
N THR B 61 28.84 1.88 -13.13
CA THR B 61 28.32 3.11 -13.72
C THR B 61 28.68 3.13 -15.19
N ALA B 62 27.88 3.84 -15.98
CA ALA B 62 28.12 3.97 -17.41
C ALA B 62 28.01 5.45 -17.75
N GLY B 63 29.16 6.11 -17.86
CA GLY B 63 29.14 7.54 -18.16
C GLY B 63 28.62 8.28 -16.95
N ASP B 64 27.87 9.35 -17.17
CA ASP B 64 27.34 10.13 -16.06
C ASP B 64 25.83 10.06 -15.91
N SER B 65 25.16 9.24 -16.73
CA SER B 65 23.71 9.16 -16.61
C SER B 65 23.13 7.79 -16.92
N ALA B 66 23.82 6.75 -16.47
CA ALA B 66 23.38 5.38 -16.68
C ALA B 66 24.25 4.40 -15.92
N ILE B 67 23.77 3.19 -15.79
CA ILE B 67 24.49 2.11 -15.13
C ILE B 67 24.30 0.89 -16.02
N SER B 68 25.10 -0.14 -15.81
CA SER B 68 24.98 -1.37 -16.58
C SER B 68 24.95 -2.55 -15.64
N VAL B 69 24.20 -3.58 -16.01
CA VAL B 69 24.07 -4.80 -15.25
C VAL B 69 24.35 -5.91 -16.24
N ASP B 70 25.50 -6.57 -16.10
CA ASP B 70 25.91 -7.64 -17.01
C ASP B 70 25.83 -7.16 -18.47
N GLY B 71 26.26 -5.92 -18.71
CA GLY B 71 26.26 -5.40 -20.07
C GLY B 71 24.99 -4.66 -20.48
N LYS B 72 23.89 -4.91 -19.78
CA LYS B 72 22.63 -4.26 -20.07
C LYS B 72 22.62 -2.85 -19.49
N VAL B 73 22.66 -1.84 -20.36
CA VAL B 73 22.70 -0.46 -19.92
C VAL B 73 21.31 0.10 -19.58
N ILE B 74 21.22 0.74 -18.43
CA ILE B 74 19.96 1.33 -17.97
C ILE B 74 20.17 2.80 -17.67
N LYS B 75 19.37 3.64 -18.31
CA LYS B 75 19.44 5.08 -18.13
C LYS B 75 19.02 5.47 -16.72
N VAL B 76 19.68 6.48 -16.16
CA VAL B 76 19.37 6.96 -14.83
C VAL B 76 19.10 8.45 -14.88
N VAL B 77 17.96 8.87 -14.33
CA VAL B 77 17.62 10.29 -14.28
C VAL B 77 17.36 10.66 -12.83
N SER B 78 17.28 11.94 -12.53
CA SER B 78 17.04 12.38 -11.17
C SER B 78 16.16 13.62 -11.09
N ASP B 79 14.90 13.42 -10.72
CA ASP B 79 13.97 14.54 -10.57
C ASP B 79 12.87 14.16 -9.61
N ARG B 80 12.67 14.98 -8.58
CA ARG B 80 11.64 14.72 -7.59
C ARG B 80 10.27 15.11 -8.11
N ASN B 81 10.23 15.84 -9.21
CA ASN B 81 8.98 16.29 -9.83
C ASN B 81 8.66 15.39 -11.03
N PRO B 82 7.72 14.44 -10.86
CA PRO B 82 7.32 13.51 -11.92
C PRO B 82 6.91 14.15 -13.25
N VAL B 83 6.30 15.32 -13.19
CA VAL B 83 5.86 16.00 -14.41
C VAL B 83 7.01 16.34 -15.37
N ASN B 84 8.21 16.48 -14.82
CA ASN B 84 9.38 16.81 -15.64
C ASN B 84 10.19 15.62 -16.13
N LEU B 85 9.70 14.41 -15.90
CA LEU B 85 10.40 13.21 -16.34
C LEU B 85 10.22 13.01 -17.86
N PRO B 86 11.26 12.50 -18.54
CA PRO B 86 11.23 12.26 -19.99
C PRO B 86 10.51 10.99 -20.43
N TRP B 87 9.39 10.67 -19.79
CA TRP B 87 8.62 9.47 -20.11
C TRP B 87 8.09 9.46 -21.56
N GLY B 88 7.45 10.55 -21.96
CA GLY B 88 6.93 10.62 -23.32
C GLY B 88 8.05 10.55 -24.35
N ASP B 89 9.12 11.29 -24.11
CA ASP B 89 10.25 11.31 -25.02
C ASP B 89 10.86 9.91 -25.21
N MET B 90 10.96 9.16 -24.11
CA MET B 90 11.54 7.82 -24.16
C MET B 90 10.55 6.74 -24.59
N GLY B 91 9.26 7.07 -24.60
CA GLY B 91 8.24 6.12 -25.00
C GLY B 91 7.94 5.09 -23.91
N ILE B 92 8.03 5.51 -22.66
CA ILE B 92 7.77 4.62 -21.53
C ILE B 92 6.33 4.13 -21.51
N ASP B 93 6.16 2.81 -21.49
CA ASP B 93 4.84 2.21 -21.45
C ASP B 93 4.29 2.11 -20.02
N LEU B 94 5.15 1.69 -19.08
CA LEU B 94 4.74 1.52 -17.69
C LEU B 94 5.74 2.07 -16.68
N VAL B 95 5.21 2.82 -15.71
CA VAL B 95 6.02 3.39 -14.64
C VAL B 95 5.77 2.61 -13.36
N ILE B 96 6.85 2.19 -12.71
CA ILE B 96 6.74 1.46 -11.44
C ILE B 96 6.92 2.54 -10.36
N GLU B 97 5.83 2.90 -9.69
CA GLU B 97 5.87 3.92 -8.65
C GLU B 97 6.27 3.33 -7.30
N GLY B 98 7.55 3.41 -6.99
CA GLY B 98 8.03 2.88 -5.72
C GLY B 98 8.56 3.96 -4.79
N THR B 99 8.06 5.18 -4.93
CA THR B 99 8.51 6.27 -4.08
C THR B 99 7.76 6.31 -2.76
N GLY B 100 6.48 5.92 -2.80
CA GLY B 100 5.68 5.93 -1.60
C GLY B 100 5.10 7.31 -1.35
N VAL B 101 5.27 8.20 -2.32
CA VAL B 101 4.78 9.57 -2.20
C VAL B 101 3.71 9.93 -3.22
N PHE B 102 3.68 9.21 -4.34
CA PHE B 102 2.69 9.46 -5.39
C PHE B 102 1.78 8.24 -5.49
N VAL B 103 1.01 8.02 -4.44
CA VAL B 103 0.12 6.88 -4.35
C VAL B 103 -1.35 7.23 -4.62
N ASP B 104 -1.61 8.51 -4.90
CA ASP B 104 -2.98 8.95 -5.18
C ASP B 104 -3.08 9.32 -6.66
N ARG B 105 -4.30 9.51 -7.15
CA ARG B 105 -4.50 9.84 -8.56
C ARG B 105 -3.83 11.12 -9.03
N ASP B 106 -3.88 12.18 -8.23
CA ASP B 106 -3.25 13.43 -8.64
C ASP B 106 -1.72 13.28 -8.69
N GLY B 107 -1.18 12.45 -7.81
CA GLY B 107 0.26 12.24 -7.78
C GLY B 107 0.74 11.34 -8.89
N ALA B 108 0.26 10.09 -8.89
CA ALA B 108 0.65 9.13 -9.91
C ALA B 108 0.28 9.71 -11.29
N GLY B 109 -0.77 10.52 -11.31
CA GLY B 109 -1.21 11.14 -12.55
C GLY B 109 -0.11 11.95 -13.20
N LYS B 110 0.76 12.52 -12.37
CA LYS B 110 1.86 13.33 -12.87
C LYS B 110 2.72 12.57 -13.91
N HIS B 111 2.84 11.27 -13.75
CA HIS B 111 3.61 10.45 -14.69
C HIS B 111 2.92 10.41 -16.05
N LEU B 112 1.59 10.39 -16.03
CA LEU B 112 0.82 10.36 -17.26
C LEU B 112 1.02 11.68 -17.99
N GLN B 113 1.06 12.78 -17.24
CA GLN B 113 1.26 14.10 -17.85
C GLN B 113 2.63 14.15 -18.51
N ALA B 114 3.60 13.49 -17.88
CA ALA B 114 4.97 13.46 -18.40
C ALA B 114 5.07 12.57 -19.64
N GLY B 115 3.99 11.89 -19.99
CA GLY B 115 4.03 11.06 -21.18
C GLY B 115 3.99 9.55 -21.01
N ALA B 116 4.07 9.07 -19.78
CA ALA B 116 4.01 7.62 -19.53
C ALA B 116 2.60 7.16 -19.87
N LYS B 117 2.47 5.92 -20.35
CA LYS B 117 1.17 5.39 -20.74
C LYS B 117 0.40 4.72 -19.60
N LYS B 118 1.09 4.35 -18.53
CA LYS B 118 0.43 3.68 -17.41
C LYS B 118 1.31 3.68 -16.16
N VAL B 119 0.69 3.58 -14.98
CA VAL B 119 1.42 3.57 -13.71
C VAL B 119 0.98 2.43 -12.80
N LEU B 120 1.95 1.76 -12.17
CA LEU B 120 1.68 0.66 -11.24
C LEU B 120 2.28 1.07 -9.90
N ILE B 121 1.42 1.35 -8.93
CA ILE B 121 1.86 1.77 -7.60
C ILE B 121 2.24 0.56 -6.75
N THR B 122 3.46 0.56 -6.22
CA THR B 122 3.92 -0.55 -5.38
C THR B 122 3.40 -0.36 -3.96
N ALA B 123 2.11 -0.12 -3.82
CA ALA B 123 1.53 0.09 -2.50
C ALA B 123 0.03 0.29 -2.66
N PRO B 124 -0.70 0.34 -1.54
CA PRO B 124 -2.15 0.55 -1.65
C PRO B 124 -2.37 1.89 -2.33
N GLY B 125 -3.25 1.93 -3.32
CA GLY B 125 -3.53 3.18 -3.99
C GLY B 125 -4.42 4.00 -3.09
N LYS B 126 -4.38 5.31 -3.22
CA LYS B 126 -5.22 6.17 -2.39
C LYS B 126 -6.39 6.71 -3.19
N GLY B 127 -7.60 6.31 -2.80
CA GLY B 127 -8.78 6.77 -3.51
C GLY B 127 -9.34 5.68 -4.41
N ASP B 128 -9.91 6.09 -5.55
CA ASP B 128 -10.48 5.12 -6.47
C ASP B 128 -9.43 4.58 -7.45
N ILE B 129 -8.51 3.78 -6.93
CA ILE B 129 -7.47 3.19 -7.76
C ILE B 129 -7.61 1.67 -7.69
N PRO B 130 -7.78 1.02 -8.85
CA PRO B 130 -7.93 -0.44 -8.94
C PRO B 130 -6.74 -1.15 -8.30
N THR B 131 -7.01 -2.01 -7.33
CA THR B 131 -5.94 -2.74 -6.67
C THR B 131 -6.05 -4.22 -7.03
N TYR B 132 -4.91 -4.84 -7.29
CA TYR B 132 -4.87 -6.25 -7.66
C TYR B 132 -3.84 -7.06 -6.87
N VAL B 133 -4.23 -8.26 -6.49
CA VAL B 133 -3.35 -9.17 -5.76
C VAL B 133 -3.25 -10.44 -6.59
N VAL B 134 -2.08 -10.66 -7.20
CA VAL B 134 -1.87 -11.82 -8.04
C VAL B 134 -2.19 -13.12 -7.29
N GLY B 135 -3.09 -13.91 -7.88
CA GLY B 135 -3.52 -15.15 -7.28
C GLY B 135 -4.89 -15.01 -6.66
N VAL B 136 -5.36 -13.76 -6.55
CA VAL B 136 -6.65 -13.49 -5.95
C VAL B 136 -7.67 -12.84 -6.90
N ASN B 137 -7.31 -11.73 -7.53
CA ASN B 137 -8.24 -11.07 -8.44
C ASN B 137 -7.63 -10.44 -9.69
N GLU B 138 -6.40 -10.81 -10.02
CA GLU B 138 -5.75 -10.19 -11.19
C GLU B 138 -6.55 -10.33 -12.49
N GLU B 139 -7.31 -11.40 -12.64
CA GLU B 139 -8.09 -11.59 -13.86
C GLU B 139 -9.09 -10.46 -14.08
N GLY B 140 -9.23 -9.60 -13.08
CA GLY B 140 -10.14 -8.47 -13.18
C GLY B 140 -9.45 -7.25 -13.78
N TYR B 141 -8.13 -7.34 -13.97
CA TYR B 141 -7.37 -6.23 -14.54
C TYR B 141 -7.76 -6.01 -15.99
N THR B 142 -7.78 -4.74 -16.39
CA THR B 142 -8.13 -4.39 -17.76
C THR B 142 -7.11 -3.38 -18.28
N HIS B 143 -6.82 -3.45 -19.58
CA HIS B 143 -5.86 -2.52 -20.17
C HIS B 143 -6.31 -1.08 -19.98
N ALA B 144 -7.61 -0.87 -19.84
CA ALA B 144 -8.15 0.48 -19.66
C ALA B 144 -7.74 1.16 -18.35
N ASP B 145 -7.28 0.39 -17.37
CA ASP B 145 -6.84 0.99 -16.11
C ASP B 145 -5.50 1.68 -16.32
N THR B 146 -5.48 3.01 -16.22
CA THR B 146 -4.25 3.77 -16.41
C THR B 146 -3.37 3.83 -15.15
N ILE B 147 -4.00 3.67 -13.98
CA ILE B 147 -3.29 3.68 -12.70
C ILE B 147 -3.81 2.52 -11.86
N ILE B 148 -2.91 1.63 -11.45
CA ILE B 148 -3.30 0.49 -10.64
C ILE B 148 -2.42 0.35 -9.40
N SER B 149 -2.86 -0.48 -8.45
CA SER B 149 -2.13 -0.71 -7.21
C SER B 149 -1.89 -2.20 -7.00
N ASN B 150 -0.73 -2.56 -6.45
CA ASN B 150 -0.43 -3.96 -6.21
C ASN B 150 -0.69 -4.30 -4.73
N ALA B 151 -1.28 -3.34 -4.01
CA ALA B 151 -1.59 -3.51 -2.59
C ALA B 151 -0.32 -3.53 -1.74
N SER B 152 -0.47 -3.85 -0.45
CA SER B 152 0.68 -3.90 0.46
C SER B 152 1.21 -5.33 0.58
N CYS B 153 2.39 -5.48 1.19
CA CYS B 153 2.96 -6.80 1.36
C CYS B 153 2.06 -7.63 2.27
N THR B 154 1.51 -6.97 3.30
CA THR B 154 0.63 -7.65 4.24
C THR B 154 -0.64 -8.17 3.55
N THR B 155 -1.25 -7.35 2.71
CA THR B 155 -2.46 -7.77 2.00
C THR B 155 -2.14 -8.94 1.07
N ASN B 156 -0.94 -8.93 0.48
CA ASN B 156 -0.52 -10.00 -0.43
C ASN B 156 -0.25 -11.32 0.27
N CYS B 157 0.06 -11.27 1.56
CA CYS B 157 0.32 -12.48 2.33
C CYS B 157 -1.00 -13.04 2.86
N LEU B 158 -1.88 -12.13 3.26
CA LEU B 158 -3.16 -12.51 3.82
C LEU B 158 -4.21 -12.99 2.81
N ALA B 159 -4.51 -12.15 1.82
CA ALA B 159 -5.52 -12.47 0.80
C ALA B 159 -5.48 -13.90 0.27
N PRO B 160 -4.32 -14.35 -0.23
CA PRO B 160 -4.21 -15.71 -0.77
C PRO B 160 -4.80 -16.85 0.09
N PHE B 161 -4.38 -16.99 1.35
CA PHE B 161 -4.92 -18.07 2.16
C PHE B 161 -6.30 -17.80 2.74
N VAL B 162 -6.68 -16.53 2.83
CA VAL B 162 -8.00 -16.17 3.32
C VAL B 162 -9.01 -16.58 2.24
N LYS B 163 -8.54 -16.57 0.99
CA LYS B 163 -9.39 -16.96 -0.13
C LYS B 163 -9.69 -18.45 0.02
N VAL B 164 -8.67 -19.21 0.43
CA VAL B 164 -8.82 -20.64 0.63
C VAL B 164 -9.70 -20.94 1.83
N LEU B 165 -9.51 -20.18 2.91
CA LEU B 165 -10.31 -20.35 4.12
C LEU B 165 -11.78 -20.09 3.82
N ASP B 166 -12.04 -18.97 3.17
CA ASP B 166 -13.41 -18.59 2.86
C ASP B 166 -14.09 -19.57 1.91
N GLN B 167 -13.34 -20.06 0.92
CA GLN B 167 -13.87 -20.97 -0.09
C GLN B 167 -14.18 -22.34 0.49
N LYS B 168 -13.38 -22.86 1.41
CA LYS B 168 -13.61 -24.20 1.95
C LYS B 168 -14.22 -24.29 3.35
N PHE B 169 -14.36 -23.17 4.05
CA PHE B 169 -14.92 -23.20 5.39
C PHE B 169 -15.92 -22.08 5.63
N GLY B 170 -15.80 -21.01 4.85
CA GLY B 170 -16.70 -19.89 5.01
C GLY B 170 -16.35 -19.06 6.23
N ILE B 171 -15.81 -17.87 6.00
CA ILE B 171 -15.42 -16.97 7.07
C ILE B 171 -16.59 -16.08 7.48
N ILE B 172 -16.93 -16.11 8.76
CA ILE B 172 -18.02 -15.28 9.26
C ILE B 172 -17.48 -13.93 9.71
N LYS B 173 -16.36 -13.96 10.41
CA LYS B 173 -15.72 -12.74 10.90
C LYS B 173 -14.32 -13.12 11.36
N GLY B 174 -13.43 -12.13 11.38
CA GLY B 174 -12.07 -12.42 11.81
C GLY B 174 -11.26 -11.19 12.12
N THR B 175 -10.09 -11.41 12.71
CA THR B 175 -9.19 -10.34 13.07
C THR B 175 -7.77 -10.83 12.85
N MET B 176 -6.87 -9.92 12.49
CA MET B 176 -5.48 -10.29 12.26
C MET B 176 -4.49 -9.33 12.88
N THR B 177 -3.30 -9.86 13.18
CA THR B 177 -2.23 -9.06 13.74
C THR B 177 -0.96 -9.43 12.98
N THR B 178 -0.26 -8.43 12.47
CA THR B 178 0.98 -8.72 11.76
C THR B 178 2.20 -8.23 12.55
N THR B 179 3.12 -9.15 12.78
CA THR B 179 4.37 -8.86 13.47
C THR B 179 5.30 -8.58 12.28
N HIS B 180 5.38 -7.30 11.93
CA HIS B 180 6.13 -6.82 10.77
C HIS B 180 7.54 -6.26 11.06
N SER B 181 8.48 -6.54 10.16
CA SER B 181 9.86 -6.02 10.29
C SER B 181 9.77 -4.51 10.14
N TYR B 182 10.75 -3.78 10.65
CA TYR B 182 10.71 -2.34 10.50
C TYR B 182 11.01 -1.98 9.05
N THR B 183 10.56 -0.80 8.63
CA THR B 183 10.80 -0.34 7.27
C THR B 183 11.29 1.09 7.32
N GLY B 184 11.74 1.60 6.18
CA GLY B 184 12.24 2.96 6.12
C GLY B 184 11.30 4.03 6.64
N ASP B 185 10.01 3.74 6.70
CA ASP B 185 9.05 4.73 7.18
C ASP B 185 9.21 5.01 8.67
N GLN B 186 9.82 4.06 9.38
CA GLN B 186 10.03 4.23 10.81
C GLN B 186 11.28 5.06 11.09
N ARG B 187 11.47 5.47 12.33
CA ARG B 187 12.62 6.28 12.71
C ARG B 187 13.73 5.48 13.38
N LEU B 188 14.97 5.82 13.03
CA LEU B 188 16.15 5.14 13.59
C LEU B 188 16.20 5.41 15.09
N LEU B 189 16.01 6.66 15.46
CA LEU B 189 16.00 7.10 16.85
C LEU B 189 14.80 8.04 17.01
N ASP B 190 14.23 8.08 18.20
CA ASP B 190 13.07 8.91 18.50
C ASP B 190 13.13 10.25 17.73
N ALA B 191 12.32 10.36 16.68
CA ALA B 191 12.28 11.57 15.87
C ALA B 191 10.86 11.85 15.35
N SER B 192 10.65 13.08 14.86
CA SER B 192 9.35 13.50 14.34
C SER B 192 8.71 12.52 13.37
N HIS B 193 7.39 12.37 13.49
CA HIS B 193 6.63 11.47 12.64
C HIS B 193 5.14 11.69 12.90
N ARG B 194 4.33 11.60 11.86
CA ARG B 194 2.88 11.76 11.97
C ARG B 194 2.34 10.76 13.00
N ASP B 195 2.82 9.54 12.91
CA ASP B 195 2.44 8.46 13.80
C ASP B 195 3.37 8.47 15.02
N LEU B 196 2.86 8.96 16.15
CA LEU B 196 3.65 9.06 17.37
C LEU B 196 4.32 7.77 17.85
N ARG B 197 3.91 6.63 17.31
CA ARG B 197 4.51 5.36 17.68
C ARG B 197 5.63 5.01 16.70
N ARG B 198 5.42 5.35 15.42
CA ARG B 198 6.43 5.09 14.39
C ARG B 198 7.57 6.08 14.56
N ALA B 199 7.36 7.08 15.41
CA ALA B 199 8.37 8.08 15.67
C ALA B 199 9.45 7.53 16.62
N ARG B 200 9.16 6.42 17.27
CA ARG B 200 10.06 5.82 18.24
C ARG B 200 11.12 4.85 17.69
N ALA B 201 12.31 4.89 18.29
CA ALA B 201 13.45 4.04 17.90
C ALA B 201 13.01 2.67 17.47
N ALA B 202 13.14 2.39 16.18
CA ALA B 202 12.70 1.14 15.57
C ALA B 202 13.41 -0.15 15.97
N CYS B 203 14.73 -0.11 16.16
CA CYS B 203 15.49 -1.31 16.50
C CYS B 203 15.41 -1.58 18.02
N LEU B 204 14.75 -0.68 18.75
CA LEU B 204 14.65 -0.82 20.21
C LEU B 204 13.27 -1.15 20.76
N ASN B 205 12.22 -1.06 19.93
CA ASN B 205 10.86 -1.31 20.41
C ASN B 205 9.96 -2.22 19.60
N ILE B 206 8.86 -2.59 20.24
CA ILE B 206 7.79 -3.35 19.61
C ILE B 206 6.89 -2.14 19.39
N VAL B 207 6.62 -1.81 18.14
CA VAL B 207 5.83 -0.63 17.82
C VAL B 207 4.49 -0.92 17.13
N PRO B 208 3.38 -0.72 17.86
CA PRO B 208 2.05 -0.96 17.28
C PRO B 208 1.73 0.15 16.30
N THR B 209 1.06 -0.20 15.22
CA THR B 209 0.69 0.81 14.23
C THR B 209 -0.50 0.28 13.44
N SER B 210 -1.26 1.20 12.84
CA SER B 210 -2.43 0.83 12.07
C SER B 210 -2.08 0.06 10.81
N THR B 211 -3.05 -0.67 10.29
CA THR B 211 -2.88 -1.45 9.07
C THR B 211 -4.19 -1.44 8.29
N GLY B 212 -4.09 -1.36 6.96
CA GLY B 212 -5.29 -1.35 6.14
C GLY B 212 -5.45 -2.67 5.41
N ALA B 213 -4.56 -3.61 5.69
CA ALA B 213 -4.58 -4.92 5.04
C ALA B 213 -5.91 -5.65 5.23
N ALA B 214 -6.48 -5.58 6.43
CA ALA B 214 -7.75 -6.24 6.70
C ALA B 214 -8.82 -5.76 5.75
N LYS B 215 -8.95 -4.44 5.64
CA LYS B 215 -9.93 -3.82 4.76
C LYS B 215 -9.57 -4.00 3.29
N ALA B 216 -8.27 -3.97 2.99
CA ALA B 216 -7.79 -4.13 1.62
C ALA B 216 -8.14 -5.50 1.05
N VAL B 217 -8.18 -6.50 1.90
CA VAL B 217 -8.50 -7.86 1.47
C VAL B 217 -9.92 -7.92 0.89
N ALA B 218 -10.78 -7.02 1.34
CA ALA B 218 -12.16 -6.98 0.87
C ALA B 218 -12.27 -6.41 -0.53
N LEU B 219 -11.24 -5.69 -0.97
CA LEU B 219 -11.22 -5.10 -2.30
C LEU B 219 -10.94 -6.19 -3.34
N VAL B 220 -10.10 -7.15 -2.99
CA VAL B 220 -9.75 -8.23 -3.89
C VAL B 220 -10.59 -9.47 -3.61
N LEU B 221 -11.26 -9.47 -2.47
CA LEU B 221 -12.13 -10.58 -2.06
C LEU B 221 -13.42 -9.96 -1.53
N PRO B 222 -14.32 -9.55 -2.45
CA PRO B 222 -15.61 -8.94 -2.12
C PRO B 222 -16.39 -9.60 -0.97
N ASN B 223 -16.33 -10.92 -0.91
CA ASN B 223 -17.05 -11.66 0.14
C ASN B 223 -16.67 -11.28 1.57
N LEU B 224 -15.41 -10.91 1.77
CA LEU B 224 -14.92 -10.53 3.10
C LEU B 224 -15.21 -9.10 3.51
N LYS B 225 -16.04 -8.41 2.73
CA LYS B 225 -16.36 -7.02 3.05
C LYS B 225 -16.89 -6.91 4.48
N GLY B 226 -16.31 -5.98 5.24
CA GLY B 226 -16.73 -5.75 6.62
C GLY B 226 -16.60 -6.90 7.60
N LYS B 227 -15.89 -7.96 7.20
CA LYS B 227 -15.74 -9.13 8.07
C LYS B 227 -14.40 -9.22 8.81
N LEU B 228 -13.42 -8.42 8.43
CA LEU B 228 -12.12 -8.49 9.09
C LEU B 228 -11.55 -7.13 9.51
N ASN B 229 -10.71 -7.14 10.55
CA ASN B 229 -10.05 -5.94 11.03
C ASN B 229 -8.65 -6.37 11.46
N GLY B 230 -7.84 -5.42 11.91
CA GLY B 230 -6.49 -5.80 12.31
C GLY B 230 -5.59 -4.64 12.71
N ILE B 231 -4.40 -4.99 13.19
CA ILE B 231 -3.40 -4.04 13.62
C ILE B 231 -2.02 -4.61 13.32
N ALA B 232 -1.00 -3.78 13.44
CA ALA B 232 0.37 -4.21 13.16
C ALA B 232 1.32 -3.94 14.31
N LEU B 233 2.28 -4.85 14.48
CA LEU B 233 3.30 -4.72 15.51
C LEU B 233 4.67 -4.75 14.83
N ARG B 234 5.33 -3.59 14.76
CA ARG B 234 6.66 -3.54 14.14
C ARG B 234 7.72 -3.96 15.17
N VAL B 235 8.52 -4.96 14.82
CA VAL B 235 9.57 -5.47 15.69
C VAL B 235 10.98 -5.23 15.11
N PRO B 236 12.03 -5.37 15.95
CA PRO B 236 13.44 -5.17 15.55
C PRO B 236 14.13 -6.17 14.62
N THR B 237 13.50 -6.49 13.50
CA THR B 237 14.11 -7.37 12.51
C THR B 237 14.09 -6.56 11.21
N PRO B 238 15.16 -6.66 10.41
CA PRO B 238 15.29 -5.93 9.14
C PRO B 238 14.40 -6.31 7.96
N ASN B 239 13.99 -7.58 7.89
CA ASN B 239 13.15 -8.05 6.81
C ASN B 239 12.45 -9.33 7.21
N VAL B 240 11.37 -9.64 6.50
CA VAL B 240 10.53 -10.81 6.73
C VAL B 240 9.55 -10.52 7.86
N SER B 241 8.27 -10.79 7.59
CA SER B 241 7.21 -10.54 8.56
C SER B 241 6.31 -11.76 8.69
N VAL B 242 5.32 -11.67 9.55
CA VAL B 242 4.42 -12.80 9.76
C VAL B 242 3.04 -12.32 10.15
N VAL B 243 2.02 -12.97 9.59
CA VAL B 243 0.65 -12.61 9.87
C VAL B 243 -0.03 -13.65 10.77
N ASP B 244 -0.79 -13.14 11.75
CA ASP B 244 -1.52 -13.98 12.70
C ASP B 244 -3.01 -13.77 12.45
N LEU B 245 -3.65 -14.75 11.82
CA LEU B 245 -5.08 -14.64 11.53
C LEU B 245 -5.96 -15.53 12.38
N VAL B 246 -7.02 -14.93 12.92
CA VAL B 246 -7.99 -15.63 13.75
C VAL B 246 -9.36 -15.38 13.12
N VAL B 247 -9.98 -16.43 12.60
CA VAL B 247 -11.29 -16.31 11.97
C VAL B 247 -12.30 -17.31 12.51
N GLN B 248 -13.56 -16.90 12.52
CA GLN B 248 -14.65 -17.77 12.95
C GLN B 248 -15.25 -18.28 11.65
N VAL B 249 -15.19 -19.59 11.44
CA VAL B 249 -15.72 -20.18 10.21
C VAL B 249 -17.07 -20.87 10.39
N SER B 250 -17.86 -20.88 9.32
CA SER B 250 -19.18 -21.51 9.34
C SER B 250 -19.11 -23.02 9.39
N LYS B 251 -18.10 -23.60 8.75
CA LYS B 251 -17.95 -25.05 8.74
C LYS B 251 -17.00 -25.54 9.83
N LYS B 252 -17.52 -26.32 10.77
CA LYS B 252 -16.70 -26.86 11.85
C LYS B 252 -15.56 -27.67 11.23
N THR B 253 -14.36 -27.48 11.77
CA THR B 253 -13.19 -28.18 11.25
C THR B 253 -12.15 -28.44 12.33
N PHE B 254 -10.94 -28.80 11.90
CA PHE B 254 -9.82 -29.06 12.81
C PHE B 254 -8.50 -28.72 12.12
N ALA B 255 -7.49 -28.43 12.92
CA ALA B 255 -6.17 -28.04 12.40
C ALA B 255 -5.67 -28.84 11.19
N GLU B 256 -5.67 -30.16 11.30
CA GLU B 256 -5.19 -30.99 10.19
C GLU B 256 -5.95 -30.77 8.89
N GLU B 257 -7.26 -30.56 8.98
CA GLU B 257 -8.08 -30.34 7.80
C GLU B 257 -7.76 -28.99 7.15
N VAL B 258 -7.63 -27.95 7.98
CA VAL B 258 -7.33 -26.62 7.51
C VAL B 258 -6.01 -26.60 6.74
N ASN B 259 -5.00 -27.27 7.29
CA ASN B 259 -3.70 -27.34 6.65
C ASN B 259 -3.80 -28.11 5.33
N ALA B 260 -4.66 -29.13 5.32
CA ALA B 260 -4.86 -29.94 4.12
C ALA B 260 -5.40 -29.05 3.01
N ALA B 261 -6.34 -28.18 3.37
CA ALA B 261 -6.95 -27.27 2.41
C ALA B 261 -5.91 -26.31 1.82
N PHE B 262 -4.95 -25.90 2.65
CA PHE B 262 -3.89 -24.99 2.19
C PHE B 262 -2.93 -25.69 1.24
N ARG B 263 -2.55 -26.92 1.57
CA ARG B 263 -1.62 -27.66 0.74
C ARG B 263 -2.17 -27.94 -0.65
N GLU B 264 -3.42 -28.41 -0.73
CA GLU B 264 -4.00 -28.70 -2.02
C GLU B 264 -4.05 -27.45 -2.91
N SER B 265 -4.31 -26.29 -2.30
CA SER B 265 -4.35 -25.04 -3.05
C SER B 265 -2.96 -24.63 -3.49
N ALA B 266 -1.99 -24.84 -2.60
CA ALA B 266 -0.59 -24.49 -2.88
C ALA B 266 -0.06 -25.38 -3.99
N ASP B 267 -0.70 -26.53 -4.19
CA ASP B 267 -0.28 -27.45 -5.23
C ASP B 267 -1.03 -27.23 -6.54
N ASN B 268 -2.01 -26.33 -6.51
CA ASN B 268 -2.81 -26.06 -7.70
C ASN B 268 -3.10 -24.59 -7.96
N GLU B 269 -4.31 -24.15 -7.61
CA GLU B 269 -4.75 -22.78 -7.79
C GLU B 269 -3.78 -21.69 -7.34
N LEU B 270 -3.06 -21.92 -6.25
CA LEU B 270 -2.13 -20.92 -5.74
C LEU B 270 -0.66 -21.31 -5.77
N LYS B 271 -0.32 -22.23 -6.67
CA LYS B 271 1.07 -22.66 -6.80
C LYS B 271 1.92 -21.44 -7.15
N GLY B 272 3.03 -21.27 -6.44
CA GLY B 272 3.90 -20.12 -6.69
C GLY B 272 3.45 -18.87 -5.97
N ILE B 273 2.30 -18.93 -5.31
CA ILE B 273 1.77 -17.78 -4.56
C ILE B 273 1.66 -18.14 -3.07
N LEU B 274 1.11 -19.32 -2.80
CA LEU B 274 0.94 -19.79 -1.44
C LEU B 274 1.76 -21.05 -1.24
N SER B 275 2.31 -21.21 -0.03
CA SER B 275 3.11 -22.39 0.29
C SER B 275 2.80 -22.81 1.73
N VAL B 276 3.17 -24.04 2.07
CA VAL B 276 2.94 -24.55 3.42
C VAL B 276 4.22 -25.21 3.93
N CYS B 277 4.74 -24.71 5.05
CA CYS B 277 5.99 -25.24 5.60
C CYS B 277 5.74 -26.10 6.83
N ASP B 278 6.23 -27.33 6.80
CA ASP B 278 6.05 -28.24 7.92
C ASP B 278 7.30 -28.31 8.82
N GLU B 279 8.26 -27.44 8.55
CA GLU B 279 9.50 -27.42 9.34
C GLU B 279 9.44 -26.38 10.45
N PRO B 280 10.15 -26.64 11.56
CA PRO B 280 10.17 -25.70 12.68
C PRO B 280 11.21 -24.62 12.36
N LEU B 281 10.83 -23.67 11.51
CA LEU B 281 11.73 -22.61 11.09
C LEU B 281 11.49 -21.26 11.75
N VAL B 282 12.40 -20.32 11.48
CA VAL B 282 12.31 -18.98 12.03
C VAL B 282 12.34 -17.99 10.86
N SER B 283 12.03 -16.74 11.16
CA SER B 283 11.97 -15.69 10.15
C SER B 283 13.08 -15.70 9.10
N ILE B 284 14.34 -15.60 9.54
CA ILE B 284 15.46 -15.56 8.62
C ILE B 284 15.42 -16.67 7.56
N ASP B 285 14.84 -17.81 7.90
CA ASP B 285 14.76 -18.93 6.95
C ASP B 285 13.83 -18.65 5.76
N PHE B 286 13.00 -17.62 5.88
CA PHE B 286 12.07 -17.29 4.81
C PHE B 286 12.54 -16.14 3.93
N ARG B 287 13.81 -15.77 4.06
CA ARG B 287 14.37 -14.69 3.25
C ARG B 287 14.47 -15.11 1.79
N CYS B 288 14.09 -14.21 0.90
CA CYS B 288 14.17 -14.44 -0.54
C CYS B 288 13.30 -15.59 -1.03
N THR B 289 12.15 -15.79 -0.40
CA THR B 289 11.21 -16.82 -0.83
C THR B 289 10.33 -16.10 -1.85
N ASP B 290 10.13 -16.72 -3.01
CA ASP B 290 9.35 -16.11 -4.08
C ASP B 290 7.82 -16.07 -3.89
N VAL B 291 7.29 -16.96 -3.05
CA VAL B 291 5.85 -16.97 -2.83
C VAL B 291 5.42 -15.76 -2.01
N SER B 292 4.12 -15.50 -1.99
CA SER B 292 3.59 -14.35 -1.25
C SER B 292 3.24 -14.69 0.20
N SER B 293 3.05 -15.97 0.48
CA SER B 293 2.68 -16.41 1.82
C SER B 293 3.05 -17.87 2.07
N THR B 294 3.56 -18.14 3.27
CA THR B 294 3.95 -19.51 3.63
C THR B 294 3.36 -19.88 4.99
N ILE B 295 2.32 -20.71 4.97
CA ILE B 295 1.65 -21.13 6.19
C ILE B 295 2.57 -21.99 7.07
N ASP B 296 2.64 -21.64 8.35
CA ASP B 296 3.46 -22.42 9.29
C ASP B 296 2.48 -23.45 9.85
N SER B 297 2.39 -24.59 9.17
CA SER B 297 1.46 -25.66 9.55
C SER B 297 1.43 -26.08 11.01
N SER B 298 2.59 -26.25 11.62
CA SER B 298 2.65 -26.68 13.02
C SER B 298 2.02 -25.68 13.98
N LEU B 299 1.77 -24.46 13.52
CA LEU B 299 1.19 -23.45 14.38
C LEU B 299 -0.33 -23.32 14.23
N THR B 300 -0.89 -23.97 13.22
CA THR B 300 -2.33 -23.90 13.00
C THR B 300 -3.09 -24.53 14.17
N MET B 301 -4.06 -23.79 14.70
CA MET B 301 -4.88 -24.25 15.81
C MET B 301 -6.35 -23.97 15.54
N VAL B 302 -7.23 -24.76 16.15
CA VAL B 302 -8.67 -24.58 16.01
C VAL B 302 -9.30 -24.75 17.39
N MET B 303 -9.90 -23.68 17.90
CA MET B 303 -10.56 -23.69 19.20
C MET B 303 -12.08 -23.79 19.06
N GLY B 304 -12.67 -24.74 19.79
CA GLY B 304 -14.12 -24.93 19.73
C GLY B 304 -14.63 -25.23 18.34
N ASP B 305 -13.88 -26.04 17.60
CA ASP B 305 -14.22 -26.46 16.24
C ASP B 305 -14.43 -25.39 15.16
N ASP B 306 -14.68 -24.14 15.53
CA ASP B 306 -14.90 -23.12 14.51
C ASP B 306 -13.99 -21.89 14.57
N MET B 307 -13.14 -21.79 15.61
CA MET B 307 -12.24 -20.66 15.71
C MET B 307 -10.85 -21.10 15.23
N VAL B 308 -10.47 -20.64 14.04
CA VAL B 308 -9.21 -21.01 13.45
C VAL B 308 -8.11 -19.95 13.58
N LYS B 309 -6.90 -20.40 13.91
CA LYS B 309 -5.76 -19.49 14.02
C LYS B 309 -4.69 -19.96 13.02
N VAL B 310 -4.30 -19.06 12.12
CA VAL B 310 -3.29 -19.38 11.11
C VAL B 310 -2.14 -18.37 11.15
N ILE B 311 -0.93 -18.89 11.06
CA ILE B 311 0.28 -18.08 11.06
C ILE B 311 1.04 -18.29 9.75
N ALA B 312 1.27 -17.20 9.02
CA ALA B 312 1.97 -17.30 7.74
C ALA B 312 3.11 -16.29 7.64
N TRP B 313 4.22 -16.74 7.10
CA TRP B 313 5.40 -15.90 6.93
C TRP B 313 5.41 -15.27 5.54
N TYR B 314 6.15 -14.16 5.42
CA TYR B 314 6.29 -13.47 4.14
C TYR B 314 7.44 -12.48 4.12
N ASP B 315 8.25 -12.56 3.06
CA ASP B 315 9.38 -11.66 2.87
C ASP B 315 8.73 -10.41 2.28
N ASN B 316 8.47 -9.41 3.14
CA ASN B 316 7.82 -8.18 2.70
C ASN B 316 8.52 -7.40 1.58
N GLU B 317 9.84 -7.58 1.44
CA GLU B 317 10.57 -6.87 0.38
C GLU B 317 10.63 -7.68 -0.92
N TRP B 318 11.28 -8.84 -0.85
CA TRP B 318 11.46 -9.71 -2.01
C TRP B 318 10.21 -10.41 -2.53
N GLY B 319 9.48 -11.06 -1.63
CA GLY B 319 8.28 -11.76 -2.04
C GLY B 319 7.31 -10.81 -2.70
N TYR B 320 7.15 -9.63 -2.13
CA TYR B 320 6.24 -8.66 -2.70
C TYR B 320 6.72 -8.14 -4.04
N SER B 321 8.03 -7.98 -4.18
CA SER B 321 8.61 -7.47 -5.42
C SER B 321 8.41 -8.47 -6.55
N GLN B 322 8.42 -9.76 -6.24
CA GLN B 322 8.19 -10.78 -7.25
C GLN B 322 6.76 -10.58 -7.76
N ARG B 323 5.86 -10.16 -6.87
CA ARG B 323 4.47 -9.94 -7.23
C ARG B 323 4.33 -8.70 -8.11
N VAL B 324 5.14 -7.68 -7.87
CA VAL B 324 5.08 -6.47 -8.69
C VAL B 324 5.51 -6.86 -10.10
N VAL B 325 6.51 -7.73 -10.19
CA VAL B 325 6.99 -8.22 -11.49
C VAL B 325 5.86 -8.96 -12.20
N ASP B 326 5.17 -9.84 -11.48
CA ASP B 326 4.06 -10.61 -12.05
C ASP B 326 2.92 -9.70 -12.52
N LEU B 327 2.58 -8.71 -11.72
CA LEU B 327 1.51 -7.80 -12.11
C LEU B 327 1.96 -7.03 -13.36
N ALA B 328 3.23 -6.64 -13.39
CA ALA B 328 3.78 -5.93 -14.54
C ALA B 328 3.70 -6.85 -15.76
N ASP B 329 3.97 -8.14 -15.54
CA ASP B 329 3.90 -9.14 -16.60
C ASP B 329 2.48 -9.22 -17.16
N ILE B 330 1.49 -9.09 -16.28
CA ILE B 330 0.10 -9.14 -16.70
C ILE B 330 -0.22 -7.93 -17.55
N VAL B 331 0.26 -6.76 -17.12
CA VAL B 331 0.04 -5.52 -17.87
C VAL B 331 0.55 -5.69 -19.30
N ALA B 332 1.70 -6.34 -19.43
CA ALA B 332 2.32 -6.59 -20.73
C ALA B 332 1.52 -7.58 -21.56
N ASN B 333 1.11 -8.67 -20.93
CA ASN B 333 0.35 -9.71 -21.60
C ASN B 333 -1.02 -9.25 -22.10
N LYS B 334 -1.63 -8.29 -21.40
CA LYS B 334 -2.93 -7.80 -21.83
C LYS B 334 -2.86 -6.45 -22.53
N TRP B 335 -1.66 -6.05 -22.91
CA TRP B 335 -1.48 -4.77 -23.58
C TRP B 335 -2.17 -4.77 -24.96
N GLN B 336 -2.87 -3.69 -25.27
CA GLN B 336 -3.57 -3.57 -26.54
C GLN B 336 -2.96 -2.51 -27.44
N LYS C 1 18.14 37.23 33.99
CA LYS C 1 18.17 35.78 33.63
C LYS C 1 18.11 35.63 32.12
N LEU C 2 19.10 34.92 31.55
CA LEU C 2 19.20 34.71 30.11
C LEU C 2 18.01 33.99 29.49
N LYS C 3 17.39 34.63 28.50
CA LYS C 3 16.25 34.04 27.79
C LYS C 3 16.78 33.16 26.67
N VAL C 4 16.53 31.86 26.77
CA VAL C 4 17.02 30.92 25.78
C VAL C 4 15.94 30.34 24.86
N ALA C 5 16.33 30.10 23.62
CA ALA C 5 15.45 29.53 22.61
C ALA C 5 16.12 28.29 22.03
N ILE C 6 15.37 27.20 21.88
CA ILE C 6 15.90 25.96 21.34
C ILE C 6 15.44 25.77 19.89
N ASN C 7 16.36 25.87 18.94
CA ASN C 7 16.00 25.68 17.54
C ASN C 7 16.33 24.25 17.13
N GLY C 8 15.28 23.46 16.89
CA GLY C 8 15.47 22.07 16.51
C GLY C 8 15.34 21.20 17.76
N PHE C 9 14.13 20.71 18.00
CA PHE C 9 13.86 19.88 19.18
C PHE C 9 14.13 18.40 18.91
N GLY C 10 15.37 18.08 18.60
CA GLY C 10 15.73 16.70 18.34
C GLY C 10 16.40 16.06 19.54
N ARG C 11 17.20 15.02 19.29
CA ARG C 11 17.89 14.31 20.35
C ARG C 11 18.62 15.28 21.28
N ILE C 12 19.46 16.13 20.70
CA ILE C 12 20.21 17.10 21.49
C ILE C 12 19.27 18.16 22.05
N GLY C 13 18.31 18.60 21.23
CA GLY C 13 17.36 19.60 21.68
C GLY C 13 16.60 19.16 22.92
N ARG C 14 16.13 17.92 22.92
CA ARG C 14 15.39 17.38 24.05
C ARG C 14 16.30 17.06 25.23
N ASN C 15 17.47 16.47 24.96
CA ASN C 15 18.43 16.14 26.01
C ASN C 15 18.81 17.42 26.74
N PHE C 16 19.02 18.48 25.97
CA PHE C 16 19.38 19.78 26.52
C PHE C 16 18.32 20.30 27.48
N LEU C 17 17.05 20.20 27.06
CA LEU C 17 15.95 20.66 27.89
C LEU C 17 15.93 19.89 29.20
N ARG C 18 16.03 18.57 29.12
CA ARG C 18 16.02 17.75 30.33
C ARG C 18 17.27 17.94 31.20
N CYS C 19 18.42 18.25 30.58
CA CYS C 19 19.64 18.49 31.35
C CYS C 19 19.44 19.79 32.13
N TRP C 20 18.96 20.81 31.43
CA TRP C 20 18.72 22.10 32.04
C TRP C 20 17.73 21.97 33.18
N HIS C 21 16.64 21.24 32.94
CA HIS C 21 15.60 21.05 33.94
C HIS C 21 16.18 20.51 35.24
N GLY C 22 17.24 19.71 35.13
CA GLY C 22 17.86 19.13 36.31
C GLY C 22 18.83 20.01 37.05
N ARG C 23 19.28 21.10 36.44
CA ARG C 23 20.23 21.99 37.09
C ARG C 23 19.56 22.76 38.21
N LYS C 24 20.33 23.06 39.25
CA LYS C 24 19.83 23.81 40.40
C LYS C 24 20.21 25.27 40.25
N ASP C 25 19.22 26.15 40.35
CA ASP C 25 19.46 27.59 40.21
C ASP C 25 20.19 27.89 38.90
N SER C 26 19.52 27.61 37.80
CA SER C 26 20.10 27.86 36.47
C SER C 26 19.98 29.33 36.10
N PRO C 27 21.02 29.88 35.44
CA PRO C 27 21.01 31.28 35.03
C PRO C 27 20.26 31.40 33.70
N LEU C 28 19.84 30.25 33.19
CA LEU C 28 19.12 30.19 31.91
C LEU C 28 17.63 29.99 32.13
N ASP C 29 16.85 30.35 31.12
CA ASP C 29 15.40 30.21 31.18
C ASP C 29 14.85 29.92 29.78
N VAL C 30 14.58 28.65 29.51
CA VAL C 30 14.05 28.25 28.22
C VAL C 30 12.61 28.74 28.09
N VAL C 31 12.40 29.73 27.22
CA VAL C 31 11.09 30.30 27.02
C VAL C 31 10.39 29.85 25.76
N VAL C 32 11.16 29.44 24.75
CA VAL C 32 10.57 29.00 23.49
C VAL C 32 11.34 27.88 22.80
N ILE C 33 10.62 27.10 22.01
CA ILE C 33 11.18 25.99 21.27
C ILE C 33 10.64 26.04 19.84
N ASN C 34 11.47 25.66 18.87
CA ASN C 34 11.04 25.65 17.49
C ASN C 34 11.04 24.21 16.98
N ASP C 35 9.90 23.55 17.11
CA ASP C 35 9.71 22.16 16.70
C ASP C 35 8.82 22.13 15.45
N THR C 36 9.44 21.92 14.29
CA THR C 36 8.69 21.87 13.04
C THR C 36 7.79 20.64 12.98
N GLY C 37 7.59 20.00 14.12
CA GLY C 37 6.76 18.80 14.18
C GLY C 37 5.43 18.97 14.90
N GLY C 38 5.29 20.03 15.67
CA GLY C 38 4.04 20.25 16.39
C GLY C 38 4.16 20.25 17.90
N VAL C 39 3.28 21.00 18.55
CA VAL C 39 3.27 21.12 20.00
C VAL C 39 3.01 19.76 20.67
N LYS C 40 2.06 19.01 20.11
CA LYS C 40 1.72 17.70 20.65
C LYS C 40 2.89 16.73 20.49
N GLN C 41 3.62 16.86 19.38
CA GLN C 41 4.76 15.99 19.13
C GLN C 41 5.90 16.34 20.08
N ALA C 42 6.04 17.63 20.38
CA ALA C 42 7.08 18.10 21.27
C ALA C 42 6.86 17.56 22.69
N SER C 43 5.64 17.69 23.17
CA SER C 43 5.30 17.23 24.52
C SER C 43 5.44 15.73 24.65
N HIS C 44 4.98 15.00 23.63
CA HIS C 44 5.05 13.54 23.66
C HIS C 44 6.48 13.01 23.65
N LEU C 45 7.28 13.44 22.68
CA LEU C 45 8.66 12.98 22.58
C LEU C 45 9.55 13.50 23.71
N LEU C 46 9.08 14.52 24.41
CA LEU C 46 9.83 15.07 25.54
C LEU C 46 9.56 14.23 26.78
N LYS C 47 8.31 13.77 26.91
CA LYS C 47 7.88 12.97 28.05
C LYS C 47 8.35 11.51 27.92
N TYR C 48 8.22 10.95 26.73
CA TYR C 48 8.62 9.57 26.48
C TYR C 48 9.89 9.53 25.64
N ASP C 49 10.89 8.81 26.12
CA ASP C 49 12.18 8.73 25.43
C ASP C 49 12.72 7.30 25.49
N SER C 50 13.02 6.72 24.33
CA SER C 50 13.54 5.36 24.26
C SER C 50 14.93 5.20 24.88
N ILE C 51 15.63 6.31 25.05
CA ILE C 51 16.98 6.28 25.62
C ILE C 51 17.03 6.75 27.07
N LEU C 52 16.41 7.88 27.36
CA LEU C 52 16.41 8.45 28.71
C LEU C 52 15.28 7.93 29.60
N GLY C 53 14.31 7.24 29.00
CA GLY C 53 13.20 6.73 29.76
C GLY C 53 12.16 7.83 29.92
N THR C 54 11.07 7.53 30.61
CA THR C 54 10.01 8.52 30.79
C THR C 54 10.44 9.69 31.67
N PHE C 55 10.26 10.90 31.13
CA PHE C 55 10.62 12.13 31.83
C PHE C 55 9.87 12.25 33.16
N ASP C 56 10.61 12.27 34.26
CA ASP C 56 10.01 12.38 35.58
C ASP C 56 9.59 13.82 35.83
N ALA C 57 8.52 14.23 35.15
CA ALA C 57 7.97 15.57 35.28
C ALA C 57 6.61 15.64 34.60
N ASP C 58 5.79 16.59 35.02
CA ASP C 58 4.47 16.75 34.44
C ASP C 58 4.57 17.48 33.11
N VAL C 59 4.49 16.73 32.02
CA VAL C 59 4.58 17.29 30.68
C VAL C 59 3.20 17.31 30.04
N LYS C 60 2.64 18.50 29.92
CA LYS C 60 1.33 18.68 29.32
C LYS C 60 1.43 19.59 28.11
N THR C 61 0.34 19.70 27.37
CA THR C 61 0.31 20.55 26.19
C THR C 61 -0.58 21.76 26.45
N ALA C 62 -0.01 22.95 26.31
CA ALA C 62 -0.76 24.18 26.52
C ALA C 62 -1.43 24.53 25.19
N GLY C 63 -2.38 25.46 25.22
CA GLY C 63 -3.09 25.86 24.00
C GLY C 63 -2.77 25.00 22.80
N ASP C 64 -1.99 25.54 21.88
CA ASP C 64 -1.57 24.80 20.69
C ASP C 64 -0.34 25.51 20.15
N SER C 65 0.18 26.42 20.95
CA SER C 65 1.37 27.18 20.60
C SER C 65 2.32 27.19 21.79
N ALA C 66 2.20 26.18 22.65
CA ALA C 66 3.06 26.07 23.83
C ALA C 66 2.81 24.77 24.59
N ILE C 67 3.83 24.33 25.33
CA ILE C 67 3.73 23.11 26.13
C ILE C 67 3.94 23.46 27.59
N SER C 68 3.69 22.50 28.47
CA SER C 68 3.85 22.72 29.90
C SER C 68 4.76 21.66 30.53
N VAL C 69 5.66 22.12 31.41
CA VAL C 69 6.58 21.23 32.09
C VAL C 69 6.61 21.60 33.57
N ASP C 70 6.07 20.73 34.43
CA ASP C 70 6.05 20.98 35.86
C ASP C 70 5.48 22.36 36.21
N GLY C 71 4.56 22.83 35.39
CA GLY C 71 3.95 24.13 35.64
C GLY C 71 4.40 25.18 34.66
N LYS C 72 5.68 25.57 34.71
CA LYS C 72 6.19 26.57 33.80
C LYS C 72 5.95 26.16 32.35
N VAL C 73 5.38 27.07 31.58
CA VAL C 73 5.08 26.82 30.18
C VAL C 73 6.19 27.32 29.27
N ILE C 74 6.23 26.79 28.05
CA ILE C 74 7.22 27.17 27.07
C ILE C 74 6.54 27.21 25.70
N LYS C 75 6.55 28.37 25.06
CA LYS C 75 5.91 28.51 23.76
C LYS C 75 6.57 27.61 22.72
N VAL C 76 5.78 27.17 21.74
CA VAL C 76 6.28 26.30 20.70
C VAL C 76 6.04 26.89 19.31
N VAL C 77 7.11 27.32 18.66
CA VAL C 77 7.03 27.90 17.33
C VAL C 77 7.32 26.81 16.29
N SER C 78 7.12 27.12 15.02
CA SER C 78 7.37 26.16 13.94
C SER C 78 7.67 26.83 12.61
N ASP C 79 8.92 26.77 12.18
CA ASP C 79 9.31 27.36 10.90
C ASP C 79 10.73 26.94 10.51
N ARG C 80 10.83 26.21 9.41
CA ARG C 80 12.10 25.73 8.92
C ARG C 80 13.03 26.86 8.47
N ASN C 81 12.58 28.10 8.62
CA ASN C 81 13.39 29.25 8.24
C ASN C 81 13.54 30.22 9.40
N PRO C 82 14.75 30.31 9.98
CA PRO C 82 15.11 31.18 11.11
C PRO C 82 14.79 32.67 10.97
N VAL C 83 14.99 33.22 9.78
CA VAL C 83 14.74 34.65 9.56
C VAL C 83 13.34 35.09 9.97
N ASN C 84 12.39 34.16 9.96
CA ASN C 84 11.01 34.46 10.32
C ASN C 84 10.75 34.35 11.82
N LEU C 85 11.51 33.48 12.49
CA LEU C 85 11.34 33.27 13.92
C LEU C 85 11.17 34.57 14.70
N PRO C 86 10.25 34.56 15.70
CA PRO C 86 9.94 35.70 16.56
C PRO C 86 10.97 35.99 17.65
N TRP C 87 12.24 35.70 17.38
CA TRP C 87 13.31 35.93 18.34
C TRP C 87 13.33 37.39 18.81
N GLY C 88 13.29 38.32 17.85
CA GLY C 88 13.30 39.72 18.20
C GLY C 88 12.13 40.10 19.09
N ASP C 89 10.94 39.67 18.69
CA ASP C 89 9.72 39.96 19.44
C ASP C 89 9.81 39.49 20.89
N MET C 90 10.35 38.29 21.09
CA MET C 90 10.48 37.74 22.43
C MET C 90 11.76 38.20 23.14
N GLY C 91 12.66 38.81 22.38
CA GLY C 91 13.91 39.29 22.96
C GLY C 91 14.82 38.14 23.36
N ILE C 92 15.00 37.19 22.45
CA ILE C 92 15.85 36.04 22.71
C ILE C 92 17.32 36.45 22.81
N ASP C 93 17.95 36.04 23.91
CA ASP C 93 19.35 36.35 24.14
C ASP C 93 20.26 35.33 23.47
N LEU C 94 19.92 34.05 23.63
CA LEU C 94 20.71 32.98 23.04
C LEU C 94 19.86 31.89 22.41
N VAL C 95 20.24 31.49 21.20
CA VAL C 95 19.54 30.45 20.47
C VAL C 95 20.38 29.18 20.44
N ILE C 96 19.86 28.10 21.00
CA ILE C 96 20.58 26.83 20.97
C ILE C 96 20.28 26.20 19.62
N GLU C 97 21.24 26.31 18.71
CA GLU C 97 21.08 25.77 17.37
C GLU C 97 21.38 24.28 17.30
N GLY C 98 20.34 23.45 17.41
CA GLY C 98 20.53 22.02 17.35
C GLY C 98 19.86 21.32 16.19
N THR C 99 19.70 22.01 15.06
CA THR C 99 19.06 21.43 13.89
C THR C 99 20.02 20.61 13.03
N GLY C 100 21.30 20.96 13.08
CA GLY C 100 22.27 20.25 12.28
C GLY C 100 22.36 20.75 10.85
N VAL C 101 21.64 21.81 10.54
CA VAL C 101 21.65 22.36 9.18
C VAL C 101 22.21 23.78 9.12
N PHE C 102 22.07 24.54 10.19
CA PHE C 102 22.58 25.91 10.23
C PHE C 102 23.87 25.97 11.05
N VAL C 103 24.98 25.56 10.43
CA VAL C 103 26.26 25.54 11.12
C VAL C 103 27.28 26.59 10.67
N ASP C 104 27.06 27.23 9.52
CA ASP C 104 27.98 28.25 9.05
C ASP C 104 27.51 29.62 9.55
N ARG C 105 28.34 30.65 9.36
CA ARG C 105 27.99 32.00 9.81
C ARG C 105 26.70 32.54 9.19
N ASP C 106 26.49 32.28 7.90
CA ASP C 106 25.30 32.75 7.22
C ASP C 106 24.05 32.04 7.74
N GLY C 107 24.09 30.71 7.76
CA GLY C 107 22.95 29.93 8.24
C GLY C 107 22.57 30.26 9.67
N ALA C 108 23.55 30.27 10.56
CA ALA C 108 23.30 30.57 11.97
C ALA C 108 23.01 32.06 12.15
N GLY C 109 23.62 32.89 11.32
CA GLY C 109 23.41 34.31 11.41
C GLY C 109 21.95 34.72 11.24
N LYS C 110 21.18 33.86 10.59
CA LYS C 110 19.76 34.13 10.35
C LYS C 110 19.02 34.31 11.67
N HIS C 111 19.46 33.59 12.70
CA HIS C 111 18.82 33.72 14.01
C HIS C 111 19.04 35.14 14.49
N LEU C 112 20.19 35.70 14.12
CA LEU C 112 20.52 37.06 14.51
C LEU C 112 19.61 37.99 13.73
N GLN C 113 19.40 37.68 12.45
CA GLN C 113 18.51 38.49 11.62
C GLN C 113 17.13 38.52 12.25
N ALA C 114 16.66 37.35 12.71
CA ALA C 114 15.36 37.21 13.32
C ALA C 114 15.22 38.06 14.59
N GLY C 115 16.36 38.50 15.13
CA GLY C 115 16.32 39.31 16.34
C GLY C 115 17.04 38.69 17.53
N ALA C 116 17.61 37.51 17.34
CA ALA C 116 18.33 36.83 18.41
C ALA C 116 19.63 37.59 18.66
N LYS C 117 20.14 37.53 19.89
CA LYS C 117 21.38 38.21 20.23
C LYS C 117 22.60 37.32 20.06
N LYS C 118 22.47 36.05 20.40
CA LYS C 118 23.57 35.09 20.29
C LYS C 118 23.09 33.74 19.77
N VAL C 119 24.02 32.95 19.26
CA VAL C 119 23.71 31.62 18.75
C VAL C 119 24.81 30.63 19.16
N LEU C 120 24.39 29.51 19.74
CA LEU C 120 25.32 28.48 20.18
C LEU C 120 25.01 27.20 19.41
N ILE C 121 25.90 26.84 18.49
CA ILE C 121 25.73 25.65 17.66
C ILE C 121 26.14 24.38 18.39
N THR C 122 25.21 23.42 18.49
CA THR C 122 25.47 22.16 19.16
C THR C 122 26.18 21.20 18.20
N ALA C 123 27.19 21.72 17.51
CA ALA C 123 27.96 20.94 16.56
C ALA C 123 29.13 21.78 16.07
N PRO C 124 30.08 21.17 15.34
CA PRO C 124 31.23 21.92 14.83
C PRO C 124 30.76 23.04 13.91
N GLY C 125 31.45 24.17 13.97
CA GLY C 125 31.07 25.30 13.13
C GLY C 125 31.82 25.22 11.82
N LYS C 126 31.35 25.98 10.83
CA LYS C 126 32.01 25.99 9.53
C LYS C 126 32.48 27.37 9.13
N GLY C 127 33.75 27.48 8.74
CA GLY C 127 34.31 28.74 8.32
C GLY C 127 34.31 29.87 9.32
N ASP C 128 35.42 30.02 10.03
CA ASP C 128 35.58 31.08 11.00
C ASP C 128 34.47 31.20 12.05
N ILE C 129 34.38 30.19 12.91
CA ILE C 129 33.40 30.17 13.98
C ILE C 129 34.15 29.76 15.25
N PRO C 130 34.22 30.64 16.26
CA PRO C 130 34.93 30.32 17.49
C PRO C 130 34.35 29.08 18.19
N THR C 131 35.17 28.05 18.31
CA THR C 131 34.78 26.79 18.93
C THR C 131 35.35 26.67 20.34
N TYR C 132 34.52 26.18 21.26
CA TYR C 132 34.95 26.02 22.65
C TYR C 132 34.53 24.68 23.24
N VAL C 133 35.42 24.11 24.04
CA VAL C 133 35.18 22.84 24.73
C VAL C 133 35.42 23.14 26.19
N VAL C 134 34.37 23.00 27.00
CA VAL C 134 34.48 23.29 28.43
C VAL C 134 35.53 22.39 29.08
N GLY C 135 36.46 23.02 29.79
CA GLY C 135 37.52 22.29 30.45
C GLY C 135 38.78 22.31 29.61
N VAL C 136 38.70 22.89 28.42
CA VAL C 136 39.86 22.97 27.52
C VAL C 136 40.26 24.39 27.18
N ASN C 137 39.32 25.17 26.62
CA ASN C 137 39.61 26.55 26.24
C ASN C 137 38.44 27.50 26.40
N GLU C 138 37.47 27.15 27.24
CA GLU C 138 36.30 27.99 27.42
C GLU C 138 36.65 29.40 27.93
N GLU C 139 37.79 29.54 28.57
CA GLU C 139 38.21 30.84 29.10
C GLU C 139 38.45 31.85 27.98
N GLY C 140 38.66 31.34 26.76
CA GLY C 140 38.91 32.23 25.64
C GLY C 140 37.63 32.86 25.10
N TYR C 141 36.50 32.49 25.69
CA TYR C 141 35.22 33.03 25.25
C TYR C 141 35.04 34.50 25.67
N THR C 142 34.38 35.26 24.81
CA THR C 142 34.11 36.68 25.07
C THR C 142 32.70 37.00 24.60
N HIS C 143 31.98 37.81 25.37
CA HIS C 143 30.61 38.19 25.04
C HIS C 143 30.50 38.82 23.65
N ALA C 144 31.65 39.18 23.06
CA ALA C 144 31.67 39.78 21.73
C ALA C 144 31.36 38.74 20.66
N ASP C 145 31.53 37.47 21.00
CA ASP C 145 31.24 36.39 20.05
C ASP C 145 29.74 36.24 19.89
N THR C 146 29.23 36.51 18.70
CA THR C 146 27.80 36.40 18.44
C THR C 146 27.41 34.97 18.06
N ILE C 147 28.36 34.25 17.46
CA ILE C 147 28.14 32.86 17.05
C ILE C 147 29.29 31.98 17.56
N ILE C 148 28.95 30.95 18.32
CA ILE C 148 29.96 30.05 18.86
C ILE C 148 29.59 28.58 18.68
N SER C 149 30.60 27.71 18.65
CA SER C 149 30.38 26.28 18.47
C SER C 149 30.85 25.50 19.70
N ASN C 150 30.11 24.46 20.07
CA ASN C 150 30.46 23.62 21.21
C ASN C 150 31.15 22.35 20.71
N ALA C 151 31.57 22.37 19.44
CA ALA C 151 32.25 21.23 18.83
C ALA C 151 31.36 19.99 18.77
N SER C 152 31.97 18.83 18.57
CA SER C 152 31.24 17.57 18.50
C SER C 152 31.36 16.77 19.79
N CYS C 153 30.60 15.68 19.88
CA CYS C 153 30.63 14.84 21.07
C CYS C 153 32.00 14.19 21.23
N THR C 154 32.54 13.69 20.13
CA THR C 154 33.85 13.05 20.15
C THR C 154 34.93 14.03 20.56
N THR C 155 34.85 15.25 20.04
CA THR C 155 35.83 16.27 20.38
C THR C 155 35.79 16.62 21.86
N ASN C 156 34.60 16.63 22.44
CA ASN C 156 34.45 16.94 23.87
C ASN C 156 34.95 15.81 24.75
N CYS C 157 35.03 14.61 24.19
CA CYS C 157 35.50 13.46 24.94
C CYS C 157 37.02 13.37 24.83
N LEU C 158 37.52 13.63 23.63
CA LEU C 158 38.95 13.56 23.37
C LEU C 158 39.78 14.72 23.92
N ALA C 159 39.38 15.94 23.60
CA ALA C 159 40.10 17.14 24.04
C ALA C 159 40.53 17.17 25.51
N PRO C 160 39.58 16.95 26.43
CA PRO C 160 39.95 16.97 27.85
C PRO C 160 41.18 16.14 28.23
N PHE C 161 41.21 14.86 27.86
CA PHE C 161 42.37 14.07 28.25
C PHE C 161 43.57 14.22 27.32
N VAL C 162 43.35 14.69 26.10
CA VAL C 162 44.48 14.90 25.19
C VAL C 162 45.27 16.08 25.75
N LYS C 163 44.54 17.02 26.34
CA LYS C 163 45.15 18.20 26.94
C LYS C 163 46.08 17.77 28.10
N VAL C 164 45.63 16.81 28.89
CA VAL C 164 46.41 16.31 30.01
C VAL C 164 47.63 15.56 29.48
N LEU C 165 47.43 14.73 28.47
CA LEU C 165 48.53 13.97 27.88
C LEU C 165 49.61 14.89 27.30
N ASP C 166 49.19 15.92 26.56
CA ASP C 166 50.16 16.82 25.95
C ASP C 166 50.91 17.64 26.99
N GLN C 167 50.20 18.10 28.02
CA GLN C 167 50.80 18.88 29.08
C GLN C 167 51.82 18.08 29.91
N LYS C 168 51.47 16.83 30.22
CA LYS C 168 52.35 16.00 31.04
C LYS C 168 53.39 15.14 30.33
N PHE C 169 53.11 14.72 29.11
CA PHE C 169 54.07 13.87 28.40
C PHE C 169 54.50 14.41 27.04
N GLY C 170 53.74 15.37 26.51
CA GLY C 170 54.07 15.96 25.22
C GLY C 170 53.80 15.06 24.03
N ILE C 171 52.67 15.26 23.37
CA ILE C 171 52.31 14.45 22.21
C ILE C 171 53.12 14.83 20.97
N ILE C 172 53.67 13.84 20.29
CA ILE C 172 54.43 14.06 19.08
C ILE C 172 53.47 13.90 17.90
N LYS C 173 52.77 12.78 17.89
CA LYS C 173 51.78 12.46 16.85
C LYS C 173 50.88 11.35 17.37
N GLY C 174 49.73 11.18 16.74
CA GLY C 174 48.82 10.15 17.18
C GLY C 174 47.66 9.92 16.24
N THR C 175 46.92 8.86 16.53
CA THR C 175 45.76 8.50 15.73
C THR C 175 44.62 8.06 16.64
N MET C 176 43.40 8.22 16.16
CA MET C 176 42.22 7.87 16.94
C MET C 176 41.12 7.18 16.14
N THR C 177 40.37 6.32 16.82
CA THR C 177 39.26 5.61 16.22
C THR C 177 38.16 5.60 17.26
N THR C 178 36.98 6.10 16.90
CA THR C 178 35.87 6.08 17.84
C THR C 178 34.83 5.07 17.39
N THR C 179 34.50 4.15 18.29
CA THR C 179 33.48 3.14 18.02
C THR C 179 32.27 3.89 18.57
N HIS C 180 31.49 4.44 17.65
CA HIS C 180 30.36 5.31 17.94
C HIS C 180 28.97 4.70 17.75
N SER C 181 28.05 5.05 18.67
CA SER C 181 26.67 4.59 18.57
C SER C 181 26.10 5.23 17.30
N TYR C 182 25.10 4.60 16.68
CA TYR C 182 24.54 5.18 15.47
C TYR C 182 23.73 6.43 15.83
N THR C 183 23.55 7.33 14.86
CA THR C 183 22.80 8.56 15.10
C THR C 183 21.76 8.80 13.99
N GLY C 184 20.98 9.86 14.14
CA GLY C 184 19.94 10.19 13.18
C GLY C 184 20.43 10.43 11.76
N ASP C 185 21.73 10.71 11.60
CA ASP C 185 22.28 10.96 10.28
C ASP C 185 22.40 9.70 9.45
N GLN C 186 22.41 8.54 10.10
CA GLN C 186 22.49 7.27 9.38
C GLN C 186 21.11 6.81 8.92
N ARG C 187 21.07 5.72 8.16
CA ARG C 187 19.80 5.19 7.66
C ARG C 187 19.40 3.89 8.32
N LEU C 188 18.11 3.71 8.57
CA LEU C 188 17.60 2.49 9.20
C LEU C 188 17.83 1.30 8.28
N LEU C 189 17.55 1.49 6.99
CA LEU C 189 17.74 0.46 5.97
C LEU C 189 18.47 1.11 4.80
N ASP C 190 19.24 0.32 4.06
CA ASP C 190 20.02 0.81 2.92
C ASP C 190 19.22 1.84 2.14
N ALA C 191 19.64 3.10 2.23
CA ALA C 191 18.96 4.20 1.54
C ALA C 191 19.96 5.30 1.14
N SER C 192 19.49 6.25 0.35
CA SER C 192 20.34 7.35 -0.14
C SER C 192 21.04 8.16 0.96
N HIS C 193 22.29 8.51 0.68
CA HIS C 193 23.09 9.32 1.59
C HIS C 193 24.35 9.73 0.81
N ARG C 194 24.82 10.95 1.01
CA ARG C 194 26.02 11.41 0.32
C ARG C 194 27.20 10.50 0.70
N ASP C 195 27.20 10.02 1.94
CA ASP C 195 28.24 9.12 2.43
C ASP C 195 27.72 7.71 2.16
N LEU C 196 28.32 7.02 1.19
CA LEU C 196 27.87 5.69 0.82
C LEU C 196 27.99 4.62 1.90
N ARG C 197 28.67 4.93 3.00
CA ARG C 197 28.77 3.94 4.09
C ARG C 197 27.61 4.21 5.04
N ARG C 198 27.38 5.49 5.35
CA ARG C 198 26.29 5.86 6.24
C ARG C 198 24.93 5.57 5.63
N ALA C 199 24.93 5.19 4.36
CA ALA C 199 23.69 4.88 3.64
C ALA C 199 23.20 3.48 3.98
N ARG C 200 24.07 2.68 4.57
CA ARG C 200 23.76 1.29 4.90
C ARG C 200 23.07 1.08 6.26
N ALA C 201 22.16 0.11 6.31
CA ALA C 201 21.39 -0.24 7.52
C ALA C 201 22.25 -0.10 8.79
N ALA C 202 21.93 0.91 9.60
CA ALA C 202 22.70 1.18 10.81
C ALA C 202 22.71 0.14 11.93
N CYS C 203 21.60 -0.57 12.13
CA CYS C 203 21.54 -1.56 13.20
C CYS C 203 22.13 -2.90 12.74
N LEU C 204 22.56 -2.97 11.49
CA LEU C 204 23.10 -4.22 10.95
C LEU C 204 24.59 -4.24 10.66
N ASN C 205 25.22 -3.07 10.64
CA ASN C 205 26.63 -3.02 10.28
C ASN C 205 27.55 -2.22 11.18
N ILE C 206 28.84 -2.45 10.96
CA ILE C 206 29.89 -1.70 11.60
C ILE C 206 30.17 -0.78 10.40
N VAL C 207 29.95 0.52 10.54
CA VAL C 207 30.16 1.41 9.42
C VAL C 207 31.22 2.47 9.57
N PRO C 208 32.34 2.31 8.86
CA PRO C 208 33.44 3.27 8.92
C PRO C 208 32.94 4.58 8.35
N THR C 209 33.38 5.68 8.93
CA THR C 209 32.99 6.99 8.45
C THR C 209 34.00 8.01 8.97
N SER C 210 34.12 9.13 8.27
CA SER C 210 35.07 10.17 8.65
C SER C 210 34.64 10.89 9.92
N THR C 211 35.61 11.50 10.59
CA THR C 211 35.36 12.24 11.81
C THR C 211 36.19 13.52 11.74
N GLY C 212 35.71 14.60 12.34
CA GLY C 212 36.46 15.84 12.32
C GLY C 212 37.14 16.12 13.65
N ALA C 213 36.87 15.29 14.64
CA ALA C 213 37.45 15.46 15.98
C ALA C 213 38.96 15.67 15.98
N ALA C 214 39.68 14.84 15.24
CA ALA C 214 41.14 14.96 15.18
C ALA C 214 41.60 16.38 14.90
N LYS C 215 41.10 16.96 13.81
CA LYS C 215 41.46 18.33 13.45
C LYS C 215 40.79 19.33 14.39
N ALA C 216 39.60 18.98 14.87
CA ALA C 216 38.86 19.85 15.77
C ALA C 216 39.63 20.05 17.07
N VAL C 217 40.34 19.02 17.51
CA VAL C 217 41.12 19.11 18.73
C VAL C 217 42.15 20.23 18.57
N ALA C 218 42.74 20.31 17.39
CA ALA C 218 43.74 21.33 17.09
C ALA C 218 43.19 22.75 17.26
N LEU C 219 41.87 22.90 17.08
CA LEU C 219 41.24 24.21 17.24
C LEU C 219 41.32 24.68 18.68
N VAL C 220 40.82 23.85 19.60
CA VAL C 220 40.83 24.19 21.02
C VAL C 220 42.19 23.99 21.69
N LEU C 221 43.07 23.25 21.01
CA LEU C 221 44.42 22.98 21.52
C LEU C 221 45.41 23.18 20.36
N PRO C 222 45.75 24.45 20.07
CA PRO C 222 46.67 24.85 19.00
C PRO C 222 47.96 24.03 18.90
N ASN C 223 48.47 23.59 20.06
CA ASN C 223 49.71 22.82 20.09
C ASN C 223 49.60 21.47 19.38
N LEU C 224 48.38 21.03 19.11
CA LEU C 224 48.14 19.76 18.45
C LEU C 224 47.96 19.88 16.94
N LYS C 225 47.96 21.11 16.44
CA LYS C 225 47.78 21.36 15.01
C LYS C 225 48.61 20.39 14.16
N GLY C 226 47.92 19.61 13.33
CA GLY C 226 48.60 18.66 12.45
C GLY C 226 49.23 17.44 13.09
N LYS C 227 48.91 17.16 14.34
CA LYS C 227 49.49 16.00 15.02
C LYS C 227 48.58 14.77 15.11
N LEU C 228 47.28 14.95 14.87
CA LEU C 228 46.34 13.86 14.96
C LEU C 228 45.44 13.68 13.74
N ASN C 229 44.95 12.46 13.56
CA ASN C 229 44.00 12.12 12.51
C ASN C 229 43.26 10.92 13.04
N GLY C 230 42.13 10.58 12.43
CA GLY C 230 41.38 9.44 12.92
C GLY C 230 40.14 9.15 12.09
N ILE C 231 39.43 8.12 12.51
CA ILE C 231 38.22 7.68 11.83
C ILE C 231 37.19 7.25 12.87
N ALA C 232 35.98 6.99 12.41
CA ALA C 232 34.92 6.55 13.28
C ALA C 232 34.33 5.25 12.75
N LEU C 233 33.87 4.42 13.68
CA LEU C 233 33.23 3.15 13.33
C LEU C 233 31.89 3.16 14.03
N ARG C 234 30.82 3.44 13.26
CA ARG C 234 29.48 3.46 13.81
C ARG C 234 29.05 2.02 14.03
N VAL C 235 28.49 1.72 15.19
CA VAL C 235 28.05 0.35 15.47
C VAL C 235 26.61 0.32 15.97
N PRO C 236 25.99 -0.87 15.98
CA PRO C 236 24.60 -1.07 16.42
C PRO C 236 24.16 -0.81 17.87
N THR C 237 24.49 0.37 18.40
CA THR C 237 24.05 0.73 19.75
C THR C 237 23.43 2.12 19.56
N PRO C 238 22.33 2.40 20.27
CA PRO C 238 21.63 3.69 20.18
C PRO C 238 22.23 4.91 20.87
N ASN C 239 23.15 4.69 21.80
CA ASN C 239 23.78 5.79 22.50
C ASN C 239 24.96 5.28 23.33
N VAL C 240 25.89 6.18 23.62
CA VAL C 240 27.12 5.90 24.38
C VAL C 240 28.17 5.43 23.39
N SER C 241 29.31 6.13 23.37
CA SER C 241 30.38 5.79 22.45
C SER C 241 31.72 5.72 23.18
N VAL C 242 32.73 5.20 22.50
CA VAL C 242 34.05 5.09 23.09
C VAL C 242 35.15 5.48 22.10
N VAL C 243 36.17 6.17 22.60
CA VAL C 243 37.28 6.58 21.75
C VAL C 243 38.55 5.84 22.13
N ASP C 244 39.28 5.41 21.11
CA ASP C 244 40.52 4.68 21.26
C ASP C 244 41.64 5.54 20.67
N LEU C 245 42.41 6.20 21.54
CA LEU C 245 43.50 7.08 21.12
C LEU C 245 44.88 6.47 21.31
N VAL C 246 45.70 6.56 20.28
CA VAL C 246 47.07 6.05 20.35
C VAL C 246 47.99 7.22 20.01
N VAL C 247 48.91 7.55 20.91
CA VAL C 247 49.84 8.64 20.68
C VAL C 247 51.27 8.29 21.08
N GLN C 248 52.22 8.90 20.39
CA GLN C 248 53.61 8.71 20.74
C GLN C 248 53.91 9.97 21.53
N VAL C 249 54.46 9.82 22.74
CA VAL C 249 54.76 10.98 23.57
C VAL C 249 56.27 11.21 23.68
N SER C 250 56.65 12.40 24.13
CA SER C 250 58.07 12.72 24.25
C SER C 250 58.71 12.10 25.49
N LYS C 251 58.02 12.17 26.63
CA LYS C 251 58.54 11.60 27.87
C LYS C 251 58.10 10.14 28.06
N LYS C 252 59.07 9.26 28.30
CA LYS C 252 58.77 7.85 28.52
C LYS C 252 57.87 7.75 29.74
N THR C 253 56.94 6.80 29.71
CA THR C 253 56.01 6.63 30.82
C THR C 253 55.53 5.19 30.87
N PHE C 254 54.51 4.94 31.66
CA PHE C 254 53.91 3.60 31.78
C PHE C 254 52.44 3.77 32.14
N ALA C 255 51.66 2.72 31.90
CA ALA C 255 50.22 2.74 32.10
C ALA C 255 49.69 3.34 33.41
N GLU C 256 50.25 2.94 34.54
CA GLU C 256 49.78 3.46 35.82
C GLU C 256 50.09 4.94 36.05
N GLU C 257 51.18 5.42 35.45
CA GLU C 257 51.54 6.82 35.59
C GLU C 257 50.55 7.66 34.78
N VAL C 258 50.19 7.16 33.59
CA VAL C 258 49.23 7.86 32.74
C VAL C 258 47.89 7.95 33.47
N ASN C 259 47.41 6.82 33.99
CA ASN C 259 46.14 6.81 34.71
C ASN C 259 46.12 7.81 35.88
N ALA C 260 47.23 7.88 36.61
CA ALA C 260 47.33 8.79 37.75
C ALA C 260 47.26 10.24 37.28
N ALA C 261 47.86 10.51 36.13
CA ALA C 261 47.84 11.86 35.56
C ALA C 261 46.38 12.24 35.30
N PHE C 262 45.60 11.29 34.78
CA PHE C 262 44.19 11.55 34.50
C PHE C 262 43.39 11.76 35.80
N ARG C 263 43.68 10.96 36.82
CA ARG C 263 42.98 11.07 38.09
C ARG C 263 43.20 12.43 38.75
N GLU C 264 44.44 12.92 38.65
CA GLU C 264 44.79 14.22 39.21
C GLU C 264 43.96 15.34 38.59
N SER C 265 43.80 15.30 37.27
CA SER C 265 43.01 16.33 36.60
C SER C 265 41.55 16.15 36.98
N ALA C 266 41.09 14.90 36.98
CA ALA C 266 39.71 14.57 37.32
C ALA C 266 39.35 15.11 38.70
N ASP C 267 40.30 15.05 39.63
CA ASP C 267 40.03 15.53 40.98
C ASP C 267 40.26 17.03 41.09
N ASN C 268 40.79 17.65 40.04
CA ASN C 268 41.05 19.08 40.09
C ASN C 268 40.45 19.93 38.96
N GLU C 269 41.31 20.50 38.11
CA GLU C 269 40.84 21.37 37.03
C GLU C 269 39.78 20.75 36.11
N LEU C 270 39.73 19.43 36.03
CA LEU C 270 38.76 18.77 35.15
C LEU C 270 37.64 18.04 35.88
N LYS C 271 37.42 18.38 37.14
CA LYS C 271 36.36 17.75 37.91
C LYS C 271 35.02 18.04 37.23
N GLY C 272 34.24 17.00 36.96
CA GLY C 272 32.96 17.17 36.30
C GLY C 272 33.06 17.11 34.80
N ILE C 273 34.29 17.09 34.29
CA ILE C 273 34.52 17.02 32.85
C ILE C 273 35.15 15.68 32.51
N LEU C 274 36.17 15.30 33.28
CA LEU C 274 36.86 14.04 33.08
C LEU C 274 36.72 13.19 34.33
N SER C 275 36.59 11.88 34.14
CA SER C 275 36.47 10.94 35.23
C SER C 275 37.32 9.72 34.87
N VAL C 276 37.71 8.96 35.89
CA VAL C 276 38.51 7.76 35.67
C VAL C 276 37.82 6.59 36.36
N CYS C 277 37.50 5.57 35.58
CA CYS C 277 36.78 4.39 36.08
C CYS C 277 37.67 3.16 36.17
N ASP C 278 37.69 2.54 37.36
CA ASP C 278 38.49 1.36 37.61
C ASP C 278 37.69 0.05 37.66
N GLU C 279 36.41 0.11 37.31
CA GLU C 279 35.58 -1.09 37.31
C GLU C 279 35.43 -1.69 35.91
N PRO C 280 35.22 -3.01 35.83
CA PRO C 280 35.07 -3.64 34.51
C PRO C 280 33.64 -3.51 33.99
N LEU C 281 33.33 -2.31 33.49
CA LEU C 281 31.99 -2.00 32.97
C LEU C 281 31.86 -2.09 31.44
N VAL C 282 30.66 -1.85 30.94
CA VAL C 282 30.38 -1.87 29.51
C VAL C 282 29.61 -0.61 29.14
N SER C 283 29.42 -0.36 27.85
CA SER C 283 28.77 0.87 27.40
C SER C 283 27.48 1.28 28.11
N ILE C 284 26.58 0.33 28.33
CA ILE C 284 25.31 0.66 28.97
C ILE C 284 25.47 1.32 30.34
N ASP C 285 26.56 1.00 31.04
CA ASP C 285 26.81 1.56 32.36
C ASP C 285 27.18 3.03 32.36
N PHE C 286 27.52 3.57 31.19
CA PHE C 286 27.90 4.98 31.12
C PHE C 286 26.77 5.91 30.71
N ARG C 287 25.58 5.35 30.50
CA ARG C 287 24.44 6.16 30.12
C ARG C 287 24.11 7.15 31.23
N CYS C 288 23.80 8.38 30.83
CA CYS C 288 23.45 9.44 31.77
C CYS C 288 24.55 9.91 32.71
N THR C 289 25.80 9.73 32.31
CA THR C 289 26.92 10.20 33.12
C THR C 289 27.08 11.66 32.69
N ASP C 290 27.29 12.56 33.64
CA ASP C 290 27.41 13.98 33.33
C ASP C 290 28.75 14.43 32.76
N VAL C 291 29.80 13.67 33.00
CA VAL C 291 31.12 14.03 32.50
C VAL C 291 31.19 13.93 30.98
N SER C 292 32.21 14.56 30.40
CA SER C 292 32.40 14.55 28.95
C SER C 292 33.17 13.30 28.53
N SER C 293 34.03 12.82 29.43
CA SER C 293 34.86 11.67 29.11
C SER C 293 35.21 10.86 30.35
N THR C 294 35.18 9.54 30.23
CA THR C 294 35.53 8.66 31.35
C THR C 294 36.58 7.65 30.89
N ILE C 295 37.78 7.76 31.44
CA ILE C 295 38.88 6.88 31.10
C ILE C 295 38.63 5.48 31.68
N ASP C 296 38.83 4.45 30.88
CA ASP C 296 38.68 3.08 31.36
C ASP C 296 40.11 2.72 31.77
N SER C 297 40.47 3.08 33.00
CA SER C 297 41.82 2.87 33.54
C SER C 297 42.44 1.52 33.27
N SER C 298 41.65 0.47 33.41
CA SER C 298 42.09 -0.90 33.20
C SER C 298 42.54 -1.23 31.77
N LEU C 299 42.14 -0.41 30.80
CA LEU C 299 42.49 -0.66 29.40
C LEU C 299 43.70 0.14 28.91
N THR C 300 44.16 1.09 29.72
CA THR C 300 45.32 1.90 29.35
C THR C 300 46.54 1.03 29.13
N MET C 301 47.26 1.28 28.04
CA MET C 301 48.46 0.52 27.70
C MET C 301 49.57 1.43 27.18
N VAL C 302 50.81 1.02 27.40
CA VAL C 302 51.97 1.76 26.94
C VAL C 302 52.87 0.74 26.27
N MET C 303 53.19 0.98 25.00
CA MET C 303 54.07 0.08 24.26
C MET C 303 55.39 0.78 23.98
N GLY C 304 56.49 0.05 24.12
CA GLY C 304 57.80 0.62 23.88
C GLY C 304 58.08 1.91 24.64
N ASP C 305 57.48 2.03 25.82
CA ASP C 305 57.68 3.18 26.70
C ASP C 305 57.14 4.55 26.27
N ASP C 306 56.83 4.73 24.98
CA ASP C 306 56.31 6.03 24.56
C ASP C 306 55.08 6.00 23.65
N MET C 307 54.50 4.82 23.44
CA MET C 307 53.29 4.71 22.64
C MET C 307 52.15 4.44 23.60
N VAL C 308 51.35 5.46 23.87
CA VAL C 308 50.25 5.35 24.81
C VAL C 308 48.90 5.12 24.12
N LYS C 309 48.13 4.17 24.66
CA LYS C 309 46.81 3.87 24.13
C LYS C 309 45.82 4.09 25.26
N VAL C 310 44.83 4.94 25.02
CA VAL C 310 43.81 5.25 26.02
C VAL C 310 42.39 5.02 25.50
N ILE C 311 41.57 4.39 26.34
CA ILE C 311 40.17 4.10 26.00
C ILE C 311 39.27 4.96 26.89
N ALA C 312 38.42 5.78 26.28
CA ALA C 312 37.52 6.65 27.04
C ALA C 312 36.07 6.56 26.56
N TRP C 313 35.16 6.45 27.52
CA TRP C 313 33.73 6.36 27.25
C TRP C 313 33.08 7.72 27.30
N TYR C 314 31.97 7.87 26.58
CA TYR C 314 31.22 9.11 26.59
C TYR C 314 29.79 8.90 26.10
N ASP C 315 28.85 9.55 26.79
CA ASP C 315 27.44 9.49 26.42
C ASP C 315 27.31 10.63 25.42
N ASN C 316 27.42 10.30 24.13
CA ASN C 316 27.35 11.32 23.08
C ASN C 316 26.12 12.23 23.13
N GLU C 317 24.99 11.72 23.62
CA GLU C 317 23.77 12.54 23.70
C GLU C 317 23.70 13.37 24.99
N TRP C 318 23.59 12.67 26.12
CA TRP C 318 23.47 13.31 27.43
C TRP C 318 24.71 14.03 27.94
N GLY C 319 25.87 13.39 27.81
CA GLY C 319 27.09 14.03 28.27
C GLY C 319 27.35 15.33 27.52
N TYR C 320 27.22 15.27 26.20
CA TYR C 320 27.44 16.45 25.36
C TYR C 320 26.45 17.56 25.70
N SER C 321 25.20 17.18 25.92
CA SER C 321 24.16 18.14 26.25
C SER C 321 24.45 18.91 27.54
N GLN C 322 25.03 18.22 28.53
CA GLN C 322 25.39 18.87 29.78
C GLN C 322 26.43 19.94 29.50
N ARG C 323 27.29 19.68 28.51
CA ARG C 323 28.33 20.63 28.12
C ARG C 323 27.73 21.82 27.39
N VAL C 324 26.59 21.61 26.73
CA VAL C 324 25.94 22.69 26.01
C VAL C 324 25.37 23.64 27.07
N VAL C 325 24.78 23.06 28.11
CA VAL C 325 24.23 23.86 29.20
C VAL C 325 25.35 24.64 29.88
N ASP C 326 26.49 23.99 30.08
CA ASP C 326 27.63 24.64 30.72
C ASP C 326 28.13 25.83 29.91
N LEU C 327 28.22 25.66 28.61
CA LEU C 327 28.68 26.74 27.74
C LEU C 327 27.64 27.86 27.74
N ALA C 328 26.36 27.49 27.77
CA ALA C 328 25.28 28.48 27.79
C ALA C 328 25.38 29.26 29.11
N ASP C 329 25.65 28.53 30.19
CA ASP C 329 25.80 29.15 31.50
C ASP C 329 26.93 30.17 31.45
N ILE C 330 28.03 29.80 30.78
CA ILE C 330 29.17 30.70 30.64
C ILE C 330 28.75 31.95 29.90
N VAL C 331 28.00 31.78 28.80
CA VAL C 331 27.53 32.90 28.01
C VAL C 331 26.69 33.83 28.87
N ALA C 332 25.97 33.26 29.83
CA ALA C 332 25.14 34.04 30.72
C ALA C 332 25.98 34.77 31.77
N ASN C 333 26.74 33.99 32.54
CA ASN C 333 27.59 34.54 33.60
C ASN C 333 28.60 35.56 33.10
N LYS C 334 28.90 35.51 31.81
CA LYS C 334 29.87 36.43 31.23
C LYS C 334 29.17 37.41 30.29
N TRP C 335 27.91 37.69 30.57
CA TRP C 335 27.11 38.60 29.76
C TRP C 335 27.30 40.06 30.15
N GLN C 336 27.64 40.88 29.16
CA GLN C 336 27.85 42.31 29.38
C GLN C 336 27.12 43.14 28.35
S SO4 D . -38.85 -3.15 -21.42
O1 SO4 D . -37.89 -4.27 -21.41
O2 SO4 D . -38.23 -1.95 -20.84
O3 SO4 D . -40.04 -3.52 -20.63
O4 SO4 D . -39.25 -2.88 -22.81
S SO4 E . -33.07 -3.69 -24.29
O1 SO4 E . -32.63 -2.65 -23.33
O2 SO4 E . -32.83 -3.23 -25.67
O3 SO4 E . -34.52 -3.98 -24.12
O4 SO4 E . -32.31 -4.93 -24.04
PA NDP F . -44.40 -8.58 -18.04
O1A NDP F . -45.33 -7.45 -18.04
O2A NDP F . -44.70 -9.78 -18.84
O5B NDP F . -44.12 -9.10 -16.52
C5B NDP F . -44.11 -8.28 -15.33
C4B NDP F . -45.13 -8.89 -14.35
O4B NDP F . -45.05 -8.28 -13.03
C3B NDP F . -46.58 -8.74 -14.75
O3B NDP F . -47.34 -9.91 -14.51
C2B NDP F . -47.09 -7.69 -13.79
O2B NDP F . -48.50 -7.73 -13.62
C1B NDP F . -46.38 -8.07 -12.55
N9A NDP F . -46.37 -7.00 -11.57
C8A NDP F . -46.31 -5.66 -11.79
N7A NDP F . -46.16 -5.00 -10.64
C5A NDP F . -46.15 -5.94 -9.72
C6A NDP F . -46.03 -5.72 -8.36
N6A NDP F . -45.93 -4.50 -7.88
N1A NDP F . -46.04 -6.82 -7.58
C2A NDP F . -46.13 -8.05 -8.12
N3A NDP F . -46.24 -8.27 -9.45
C4A NDP F . -46.27 -7.21 -10.27
O3 NDP F . -42.98 -8.10 -18.48
PN NDP F . -41.62 -8.82 -18.89
O1N NDP F . -41.43 -8.77 -20.38
O2N NDP F . -41.59 -10.13 -18.22
O5D NDP F . -40.45 -7.96 -18.25
C5D NDP F . -40.26 -7.99 -16.84
C4D NDP F . -38.92 -7.32 -16.53
O4D NDP F . -37.85 -8.05 -17.14
C3D NDP F . -38.76 -5.91 -17.07
O3D NDP F . -37.74 -5.23 -16.29
C2D NDP F . -38.13 -6.11 -18.43
O2D NDP F . -37.39 -4.95 -18.89
C1D NDP F . -37.18 -7.23 -18.11
N1N NDP F . -36.80 -8.03 -19.29
C2N NDP F . -37.74 -8.31 -20.33
C3N NDP F . -37.36 -9.07 -21.45
C7N NDP F . -38.37 -9.64 -22.49
O7N NDP F . -37.94 -10.11 -23.55
N7N NDP F . -39.67 -9.41 -22.29
C4N NDP F . -36.02 -9.48 -21.53
C5N NDP F . -35.09 -9.18 -20.51
C6N NDP F . -35.48 -8.47 -19.38
P2B NDP F . -49.31 -6.42 -14.12
O1X NDP F . -49.00 -5.14 -13.17
O2X NDP F . -48.86 -6.02 -15.62
O3X NDP F . -50.76 -6.72 -14.10
S SO4 G . 5.76 1.23 4.65
O1 SO4 G . 5.93 0.69 6.01
O2 SO4 G . 6.97 0.96 3.87
O3 SO4 G . 5.52 2.68 4.73
O4 SO4 G . 4.61 0.57 4.01
S SO4 H . -0.31 -2.31 5.71
O1 SO4 H . -0.96 -0.99 5.86
O2 SO4 H . 1.02 -2.15 5.09
O3 SO4 H . -0.16 -2.95 7.03
O4 SO4 H . -1.16 -3.17 4.86
S SO4 I . 26.01 11.14 -9.77
O1 SO4 I . 24.93 11.01 -10.75
O2 SO4 I . 25.56 11.98 -8.64
O3 SO4 I . 27.19 11.77 -10.40
O4 SO4 I . 26.40 9.81 -9.26
PA NDP J . 11.92 3.76 1.03
O1A NDP J . 11.79 4.94 1.91
O2A NDP J . 13.01 2.80 1.25
O5B NDP J . 12.01 4.22 -0.53
C5B NDP J . 11.39 5.37 -1.12
C4B NDP J . 12.32 5.88 -2.24
O4B NDP J . 11.71 6.91 -3.05
C3B NDP J . 13.61 6.51 -1.76
O3B NDP J . 14.73 6.13 -2.53
C2B NDP J . 13.39 7.98 -2.01
O2B NDP J . 14.60 8.72 -2.12
C1B NDP J . 12.66 7.94 -3.30
N9A NDP J . 11.97 9.19 -3.59
C8A NDP J . 11.38 10.03 -2.71
N7A NDP J . 10.70 10.99 -3.35
C5A NDP J . 10.91 10.72 -4.62
C6A NDP J . 10.41 11.47 -5.68
N6A NDP J . 9.68 12.54 -5.45
N1A NDP J . 10.71 11.03 -6.91
C2A NDP J . 11.45 9.92 -7.08
N3A NDP J . 11.94 9.19 -6.06
C4A NDP J . 11.68 9.59 -4.81
O3 NDP J . 10.58 2.95 1.05
PN NDP J . 10.13 1.52 0.53
O1N NDP J . 10.02 0.56 1.67
O2N NDP J . 11.00 1.17 -0.62
O5D NDP J . 8.68 1.69 -0.07
C5D NDP J . 8.49 2.41 -1.28
C4D NDP J . 7.06 2.19 -1.75
O4D NDP J . 6.82 0.80 -2.02
C3D NDP J . 5.97 2.56 -0.76
O3D NDP J . 4.74 2.81 -1.47
C2D NDP J . 5.72 1.28 0.00
O2D NDP J . 4.42 1.23 0.61
C1D NDP J . 5.82 0.29 -1.13
N1N NDP J . 6.17 -1.07 -0.69
C2N NDP J . 7.07 -1.31 0.39
C3N NDP J . 7.36 -2.61 0.81
C7N NDP J . 8.52 -2.96 1.78
O7N NDP J . 8.60 -4.10 2.25
N7N NDP J . 9.30 -1.97 2.23
C4N NDP J . 6.70 -3.66 0.16
C5N NDP J . 5.79 -3.43 -0.88
C6N NDP J . 5.52 -2.14 -1.33
P2B NDP J . 15.01 9.61 -0.83
O1X NDP J . 13.99 10.86 -0.64
O2X NDP J . 14.93 8.72 0.51
O3X NDP J . 16.39 10.11 -1.00
S SO4 K . 25.87 13.20 13.04
O1 SO4 K . 26.11 11.85 12.50
O2 SO4 K . 26.30 13.23 14.46
O3 SO4 K . 24.44 13.52 12.96
O4 SO4 K . 26.66 14.18 12.27
S SO4 L . 32.51 13.85 14.99
O1 SO4 L . 31.99 12.91 16.00
O2 SO4 L . 33.64 14.64 15.53
O3 SO4 L . 32.97 13.10 13.81
O4 SO4 L . 31.43 14.78 14.59
S SO4 M . 18.12 0.00 25.29
O1 SO4 M . 19.50 -0.10 24.76
O2 SO4 M . 17.27 0.68 24.29
O3 SO4 M . 18.13 0.78 26.55
O4 SO4 M . 17.60 -1.36 25.55
PA NDP N . 17.94 15.33 15.61
O1A NDP N . 17.44 14.83 14.31
O2A NDP N . 17.45 14.74 16.86
O5B NDP N . 17.70 16.93 15.73
C5B NDP N . 17.72 17.89 14.64
C4B NDP N . 16.40 18.68 14.70
O4B NDP N . 16.39 19.81 13.79
C3B NDP N . 15.16 17.89 14.33
O3B NDP N . 14.07 18.15 15.18
C2B NDP N . 14.80 18.42 12.97
O2B NDP N . 13.44 18.23 12.63
C1B NDP N . 15.11 19.86 13.15
N9A NDP N . 15.25 20.56 11.88
C8A NDP N . 15.74 20.08 10.72
N7A NDP N . 15.85 21.07 9.81
C5A NDP N . 15.39 22.13 10.45
C6A NDP N . 15.30 23.40 9.89
N6A NDP N . 15.66 23.62 8.64
N1A NDP N . 14.83 24.37 10.70
C2A NDP N . 14.48 24.10 11.97
N3A NDP N . 14.57 22.87 12.51
C4A NDP N . 15.02 21.86 11.75
O3 NDP N . 19.50 15.23 15.64
PN NDP N . 20.60 15.23 16.79
O1N NDP N . 21.12 13.85 17.02
O2N NDP N . 20.05 16.00 17.92
O5D NDP N . 21.82 16.08 16.24
C5D NDP N . 21.64 17.46 15.92
C4D NDP N . 23.00 18.06 15.59
O4D NDP N . 23.87 17.98 16.73
C3D NDP N . 23.77 17.36 14.48
O3D NDP N . 24.72 18.29 13.92
C2D NDP N . 24.61 16.34 15.21
O2D NDP N . 25.79 15.94 14.47
C1D NDP N . 25.00 17.15 16.41
N1N NDP N . 25.36 16.31 17.58
C2N NDP N . 24.68 15.10 17.87
C3N NDP N . 25.05 14.31 18.97
C7N NDP N . 24.20 13.12 19.50
O7N NDP N . 24.69 12.36 20.34
N7N NDP N . 23.05 12.85 18.89
C4N NDP N . 26.14 14.75 19.73
C5N NDP N . 26.82 15.94 19.44
C6N NDP N . 26.42 16.74 18.37
P2B NDP N . 13.15 17.14 11.47
O1X NDP N . 13.67 17.68 10.03
O2X NDP N . 13.94 15.77 11.77
O3X NDP N . 11.70 16.86 11.40
#